data_3CE5
# 
_entry.id   3CE5 
# 
_audit_conform.dict_name       mmcif_pdbx.dic 
_audit_conform.dict_version    5.377 
_audit_conform.dict_location   http://mmcif.pdb.org/dictionaries/ascii/mmcif_pdbx.dic 
# 
loop_
_database_2.database_id 
_database_2.database_code 
_database_2.pdbx_database_accession 
_database_2.pdbx_DOI 
PDB   3CE5         pdb_00003ce5 10.2210/pdb3ce5/pdb 
NDB   DD0093       ?            ?                   
RCSB  RCSB046665   ?            ?                   
WWPDB D_1000046665 ?            ?                   
# 
_pdbx_database_related.db_name        PDB 
_pdbx_database_related.db_id          1K8P 
_pdbx_database_related.details        'The same sequence without bound ligand' 
_pdbx_database_related.content_type   unspecified 
# 
_pdbx_database_status.status_code                     REL 
_pdbx_database_status.entry_id                        3CE5 
_pdbx_database_status.recvd_initial_deposition_date   2008-02-28 
_pdbx_database_status.deposit_site                    RCSB 
_pdbx_database_status.process_site                    RCSB 
_pdbx_database_status.status_code_sf                  REL 
_pdbx_database_status.status_code_mr                  ? 
_pdbx_database_status.SG_entry                        ? 
_pdbx_database_status.status_code_cs                  ? 
_pdbx_database_status.pdb_format_compatible           Y 
_pdbx_database_status.status_code_nmr_data            ? 
_pdbx_database_status.methods_development_category    ? 
# 
loop_
_audit_author.name 
_audit_author.pdbx_ordinal 
'Campbell, N.H.'  1 
'Parkinson, G.N.' 2 
'Reszka, A.P.'    3 
'Neidle, S.'      4 
# 
_citation.id                        primary 
_citation.title                     'Structural basis of DNA quadruplex recognition by an acridine drug.' 
_citation.journal_abbrev            J.Am.Chem.Soc. 
_citation.journal_volume            130 
_citation.page_first                6722 
_citation.page_last                 6724 
_citation.year                      2008 
_citation.journal_id_ASTM           JACSAT 
_citation.country                   US 
_citation.journal_id_ISSN           0002-7863 
_citation.journal_id_CSD            0004 
_citation.book_publisher            ? 
_citation.pdbx_database_id_PubMed   18457389 
_citation.pdbx_database_id_DOI      10.1021/ja8016973 
# 
loop_
_citation_author.citation_id 
_citation_author.name 
_citation_author.ordinal 
_citation_author.identifier_ORCID 
primary 'Campbell, N.H.'  1 ? 
primary 'Parkinson, G.N.' 2 ? 
primary 'Reszka, A.P.'    3 ? 
primary 'Neidle, S.'      4 ? 
# 
_cell.entry_id           3CE5 
_cell.length_a           70.338 
_cell.length_b           70.338 
_cell.length_c           34.293 
_cell.angle_alpha        90.00 
_cell.angle_beta         90.00 
_cell.angle_gamma        90.00 
_cell.Z_PDB              16 
_cell.pdbx_unique_axis   ? 
_cell.length_a_esd       ? 
_cell.length_b_esd       ? 
_cell.length_c_esd       ? 
_cell.angle_alpha_esd    ? 
_cell.angle_beta_esd     ? 
_cell.angle_gamma_esd    ? 
# 
_symmetry.entry_id                         3CE5 
_symmetry.space_group_name_H-M             'I 4' 
_symmetry.pdbx_full_space_group_name_H-M   ? 
_symmetry.cell_setting                     ? 
_symmetry.Int_Tables_number                79 
_symmetry.space_group_name_Hall            ? 
# 
loop_
_entity.id 
_entity.type 
_entity.src_method 
_entity.pdbx_description 
_entity.formula_weight 
_entity.pdbx_number_of_molecules 
_entity.pdbx_ec 
_entity.pdbx_mutation 
_entity.pdbx_fragment 
_entity.details 
1 polymer     syn 
;DNA (5'-D(*DTP*DAP*DGP*DGP*DGP*DTP*DTP*DAP*DGP*DGP*DGP*DT)-3')
;
3773.462 2  ? ? ? ? 
2 non-polymer syn 'POTASSIUM ION'                                                                    39.098   2  ? ? ? ? 
3 non-polymer syn '9-[4-(n,n-dimethylamino)phenylamino]-3,6-bis(3-pyrrolidinopropionamido) acridine' 593.762  1  ? ? ? ? 
4 water       nat water                                                                              18.015   54 ? ? ? ? 
# 
_entity_poly.entity_id                      1 
_entity_poly.type                           polydeoxyribonucleotide 
_entity_poly.nstd_linkage                   no 
_entity_poly.nstd_monomer                   no 
_entity_poly.pdbx_seq_one_letter_code       '(DT)(DA)(DG)(DG)(DG)(DT)(DT)(DA)(DG)(DG)(DG)(DT)' 
_entity_poly.pdbx_seq_one_letter_code_can   TAGGGTTAGGGT 
_entity_poly.pdbx_strand_id                 A,B 
_entity_poly.pdbx_target_identifier         ? 
# 
loop_
_entity_poly_seq.entity_id 
_entity_poly_seq.num 
_entity_poly_seq.mon_id 
_entity_poly_seq.hetero 
1 1  DT n 
1 2  DA n 
1 3  DG n 
1 4  DG n 
1 5  DG n 
1 6  DT n 
1 7  DT n 
1 8  DA n 
1 9  DG n 
1 10 DG n 
1 11 DG n 
1 12 DT n 
# 
_pdbx_entity_src_syn.entity_id              1 
_pdbx_entity_src_syn.pdbx_src_id            1 
_pdbx_entity_src_syn.pdbx_alt_source_flag   sample 
_pdbx_entity_src_syn.pdbx_beg_seq_num       ? 
_pdbx_entity_src_syn.pdbx_end_seq_num       ? 
_pdbx_entity_src_syn.organism_scientific    ? 
_pdbx_entity_src_syn.organism_common_name   ? 
_pdbx_entity_src_syn.ncbi_taxonomy_id       ? 
_pdbx_entity_src_syn.details                
'This quadruplex-forming sequence occurs naturally in the telomeric ends of human chromosomes' 
# 
_struct_ref.id                         1 
_struct_ref.db_name                    PDB 
_struct_ref.db_code                    3CE5 
_struct_ref.pdbx_db_accession          3CE5 
_struct_ref.entity_id                  1 
_struct_ref.pdbx_seq_one_letter_code   TAGGGTTAGGGT 
_struct_ref.pdbx_align_begin           1 
_struct_ref.pdbx_db_isoform            ? 
# 
loop_
_struct_ref_seq.align_id 
_struct_ref_seq.ref_id 
_struct_ref_seq.pdbx_PDB_id_code 
_struct_ref_seq.pdbx_strand_id 
_struct_ref_seq.seq_align_beg 
_struct_ref_seq.pdbx_seq_align_beg_ins_code 
_struct_ref_seq.seq_align_end 
_struct_ref_seq.pdbx_seq_align_end_ins_code 
_struct_ref_seq.pdbx_db_accession 
_struct_ref_seq.db_align_beg 
_struct_ref_seq.pdbx_db_align_beg_ins_code 
_struct_ref_seq.db_align_end 
_struct_ref_seq.pdbx_db_align_end_ins_code 
_struct_ref_seq.pdbx_auth_seq_align_beg 
_struct_ref_seq.pdbx_auth_seq_align_end 
1 1 3CE5 A 1 ? 12 ? 3CE5 1  ? 12 ? 1  12 
2 1 3CE5 B 1 ? 12 ? 3CE5 13 ? 24 ? 13 24 
# 
loop_
_chem_comp.id 
_chem_comp.type 
_chem_comp.mon_nstd_flag 
_chem_comp.name 
_chem_comp.pdbx_synonyms 
_chem_comp.formula 
_chem_comp.formula_weight 
BRA non-polymer   . '9-[4-(n,n-dimethylamino)phenylamino]-3,6-bis(3-pyrrolidinopropionamido) acridine' 
"N,N'-(9-{[4-(dimethylamino)phenyl]amino}acridine-3,6-diyl)bis(3-pyrrolidin-1-ylpropanamide)" 'C35 H43 N7 O2'   593.762 
DA  'DNA linking' y "2'-DEOXYADENOSINE-5'-MONOPHOSPHATE"                                               ? 'C10 H14 N5 O6 P' 331.222 
DG  'DNA linking' y "2'-DEOXYGUANOSINE-5'-MONOPHOSPHATE"                                               ? 'C10 H14 N5 O7 P' 347.221 
DT  'DNA linking' y "THYMIDINE-5'-MONOPHOSPHATE"                                                       ? 'C10 H15 N2 O8 P' 322.208 
HOH non-polymer   . WATER                                                                              ? 'H2 O'            18.015  
K   non-polymer   . 'POTASSIUM ION'                                                                    ? 'K 1'             39.098  
# 
_exptl.entry_id          3CE5 
_exptl.method            'X-RAY DIFFRACTION' 
_exptl.crystals_number   1 
# 
_exptl_crystal.id                    1 
_exptl_crystal.density_meas          ? 
_exptl_crystal.density_Matthews      2.81 
_exptl_crystal.density_percent_sol   56.23 
_exptl_crystal.description           ? 
_exptl_crystal.F_000                 ? 
_exptl_crystal.preparation           ? 
# 
_exptl_crystal_grow.crystal_id      1 
_exptl_crystal_grow.method          'VAPOR DIFFUSION, HANGING DROP' 
_exptl_crystal_grow.temp            285.15 
_exptl_crystal_grow.temp_details    ? 
_exptl_crystal_grow.pH              6.5 
_exptl_crystal_grow.pdbx_details    
;1.6 mM DNA, 1.6 mM BRACO19, 200 mM ammonium sulphate, 20 mM sodium chloride, 20 mM potassium chloride, 20 mM lithium sulphate and 36 mM potassium cacodylate buffer at pH 6.5 equilibrated against 1.6 M ammonium sulphate , VAPOR DIFFUSION, HANGING DROP, temperature 285.15K
;
_exptl_crystal_grow.pdbx_pH_range   . 
# 
loop_
_exptl_crystal_grow_comp.crystal_id 
_exptl_crystal_grow_comp.id 
_exptl_crystal_grow_comp.sol_id 
_exptl_crystal_grow_comp.name 
_exptl_crystal_grow_comp.volume 
_exptl_crystal_grow_comp.conc 
_exptl_crystal_grow_comp.details 
1 1 1 '200 mM ammonium sulphate'           ? ? ? 
1 2 1 'sodium chloride'                    ? ? ? 
1 3 1 'potassium chloride'                 ? ? ? 
1 4 1 'lithium sulphate'                   ? ? ? 
1 5 1 'potassium cacodylate'               ? ? ? 
1 6 1 'BRACO19, the ligand under code BRA' ? ? ? 
1 7 2 '1.6 M ammonium sulphate'            ? ? ? 
# 
_diffrn.id                     1 
_diffrn.ambient_temp           105 
_diffrn.ambient_temp_details   ? 
_diffrn.crystal_id             1 
# 
_diffrn_detector.diffrn_id              1 
_diffrn_detector.detector               'IMAGE PLATE' 
_diffrn_detector.type                   'RIGAKU RAXIS IV' 
_diffrn_detector.pdbx_collection_date   2008-01-15 
_diffrn_detector.details                mirrors 
# 
_diffrn_radiation.diffrn_id                        1 
_diffrn_radiation.wavelength_id                    1 
_diffrn_radiation.pdbx_monochromatic_or_laue_m_l   M 
_diffrn_radiation.monochromator                    'osmic mirrors' 
_diffrn_radiation.pdbx_diffrn_protocol             'SINGLE WAVELENGTH' 
_diffrn_radiation.pdbx_scattering_type             x-ray 
# 
_diffrn_radiation_wavelength.id           1 
_diffrn_radiation_wavelength.wavelength   1.5418 
_diffrn_radiation_wavelength.wt           1.0 
# 
_diffrn_source.diffrn_id                   1 
_diffrn_source.source                      'ROTATING ANODE' 
_diffrn_source.type                        'RIGAKU RU200' 
_diffrn_source.pdbx_synchrotron_site       ? 
_diffrn_source.pdbx_synchrotron_beamline   ? 
_diffrn_source.pdbx_wavelength             ? 
_diffrn_source.pdbx_wavelength_list        1.5418 
# 
_reflns.entry_id                     3CE5 
_reflns.observed_criterion_sigma_F   . 
_reflns.observed_criterion_sigma_I   3.0 
_reflns.d_resolution_high            2.50 
_reflns.d_resolution_low             35.17 
_reflns.number_all                   3003 
_reflns.number_obs                   2994 
_reflns.percent_possible_obs         99.7 
_reflns.pdbx_Rmerge_I_obs            0.065 
_reflns.pdbx_Rsym_value              . 
_reflns.pdbx_netI_over_sigmaI        9.8 
_reflns.B_iso_Wilson_estimate        58.2 
_reflns.pdbx_redundancy              2.90 
_reflns.R_free_details               ? 
_reflns.pdbx_chi_squared             ? 
_reflns.pdbx_scaling_rejects         ? 
_reflns.pdbx_ordinal                 1 
_reflns.pdbx_diffrn_id               1 
# 
_reflns_shell.d_res_high             2.50 
_reflns_shell.d_res_low              2.59 
_reflns_shell.percent_possible_all   100 
_reflns_shell.Rmerge_I_obs           0.310 
_reflns_shell.pdbx_Rsym_value        . 
_reflns_shell.meanI_over_sigI_obs    2.4 
_reflns_shell.pdbx_redundancy        2.80 
_reflns_shell.percent_possible_obs   ? 
_reflns_shell.number_unique_all      291 
_reflns_shell.number_measured_all    ? 
_reflns_shell.number_measured_obs    ? 
_reflns_shell.number_unique_obs      ? 
_reflns_shell.pdbx_chi_squared       ? 
_reflns_shell.pdbx_ordinal           1 
_reflns_shell.pdbx_diffrn_id         1 
# 
_refine.entry_id                                 3CE5 
_refine.ls_number_reflns_obs                     2852 
_refine.ls_number_reflns_all                     2992 
_refine.pdbx_ls_sigma_I                          . 
_refine.pdbx_ls_sigma_F                          . 
_refine.pdbx_data_cutoff_high_absF               ? 
_refine.pdbx_data_cutoff_low_absF                ? 
_refine.pdbx_data_cutoff_high_rms_absF           ? 
_refine.ls_d_res_low                             35.17 
_refine.ls_d_res_high                            2.50 
_refine.ls_percent_reflns_obs                    100.00 
_refine.ls_R_factor_obs                          0.18446 
_refine.ls_R_factor_all                          0.18446 
_refine.ls_R_factor_R_work                       0.18298 
_refine.ls_R_factor_R_free                       0.21341 
_refine.ls_R_factor_R_free_error                 ? 
_refine.ls_R_factor_R_free_error_details         ? 
_refine.ls_percent_reflns_R_free                 4.7 
_refine.ls_number_reflns_R_free                  140 
_refine.ls_number_parameters                     ? 
_refine.ls_number_restraints                     ? 
_refine.occupancy_min                            ? 
_refine.occupancy_max                            ? 
_refine.correlation_coeff_Fo_to_Fc               0.960 
_refine.correlation_coeff_Fo_to_Fc_free          0.965 
_refine.B_iso_mean                               23.482 
_refine.aniso_B[1][1]                            2.08 
_refine.aniso_B[2][2]                            2.08 
_refine.aniso_B[3][3]                            -4.15 
_refine.aniso_B[1][2]                            0.00 
_refine.aniso_B[1][3]                            0.00 
_refine.aniso_B[2][3]                            0.00 
_refine.solvent_model_details                    MASK 
_refine.solvent_model_param_ksol                 ? 
_refine.solvent_model_param_bsol                 ? 
_refine.pdbx_solvent_vdw_probe_radii             1.40 
_refine.pdbx_solvent_ion_probe_radii             0.80 
_refine.pdbx_solvent_shrinkage_radii             0.80 
_refine.pdbx_ls_cross_valid_method               THROUGHOUT 
_refine.details                                  'HYDROGENS HAVE BEEN ADDED IN THE RIDING POSITIONS' 
_refine.pdbx_starting_model                      'PDB Entry 1K8P' 
_refine.pdbx_method_to_determine_struct          'MOLECULAR REPLACEMENT' 
_refine.pdbx_isotropic_thermal_model             isotropic 
_refine.pdbx_stereochemistry_target_values       'MAXIMUM LIKELIHOOD' 
_refine.pdbx_stereochem_target_val_spec_case     ? 
_refine.pdbx_R_Free_selection_details            RANDOM 
_refine.pdbx_overall_ESU_R                       0.550 
_refine.pdbx_overall_ESU_R_Free                  0.250 
_refine.overall_SU_ML                            0.160 
_refine.overall_SU_B                             7.026 
_refine.ls_redundancy_reflns_obs                 ? 
_refine.overall_SU_R_Cruickshank_DPI             ? 
_refine.overall_SU_R_free                        ? 
_refine.ls_wR_factor_R_free                      ? 
_refine.ls_wR_factor_R_work                      ? 
_refine.overall_FOM_free_R_set                   ? 
_refine.overall_FOM_work_R_set                   ? 
_refine.pdbx_overall_phase_error                 ? 
_refine.pdbx_refine_id                           'X-RAY DIFFRACTION' 
_refine.pdbx_diffrn_id                           1 
_refine.pdbx_TLS_residual_ADP_flag               ? 
_refine.pdbx_overall_SU_R_free_Cruickshank_DPI   ? 
_refine.pdbx_overall_SU_R_Blow_DPI               ? 
_refine.pdbx_overall_SU_R_free_Blow_DPI          ? 
# 
_refine_hist.pdbx_refine_id                   'X-RAY DIFFRACTION' 
_refine_hist.cycle_id                         LAST 
_refine_hist.pdbx_number_atoms_protein        0 
_refine_hist.pdbx_number_atoms_nucleic_acid   502 
_refine_hist.pdbx_number_atoms_ligand         46 
_refine_hist.number_atoms_solvent             54 
_refine_hist.number_atoms_total               602 
_refine_hist.d_res_high                       2.50 
_refine_hist.d_res_low                        35.17 
# 
loop_
_refine_ls_restr.type 
_refine_ls_restr.dev_ideal 
_refine_ls_restr.dev_ideal_target 
_refine_ls_restr.weight 
_refine_ls_restr.number 
_refine_ls_restr.pdbx_refine_id 
_refine_ls_restr.pdbx_restraint_function 
r_bond_refined_d         0.024 0.021 ? 617 'X-RAY DIFFRACTION' ? 
r_angle_refined_deg      2.813 2.994 ? 948 'X-RAY DIFFRACTION' ? 
r_chiral_restr           0.115 0.200 ? 95  'X-RAY DIFFRACTION' ? 
r_gen_planes_refined     0.016 0.020 ? 307 'X-RAY DIFFRACTION' ? 
r_nbd_refined            0.306 0.200 ? 186 'X-RAY DIFFRACTION' ? 
r_nbtor_refined          0.342 0.200 ? 335 'X-RAY DIFFRACTION' ? 
r_xyhbond_nbd_refined    0.207 0.200 ? 36  'X-RAY DIFFRACTION' ? 
r_metal_ion_refined      0.162 0.200 ? 2   'X-RAY DIFFRACTION' ? 
r_symmetry_vdw_refined   0.193 0.200 ? 24  'X-RAY DIFFRACTION' ? 
r_symmetry_hbond_refined 0.196 0.200 ? 2   'X-RAY DIFFRACTION' ? 
r_scbond_it              2.845 3.000 ? 683 'X-RAY DIFFRACTION' ? 
r_scangle_it             3.864 4.500 ? 947 'X-RAY DIFFRACTION' ? 
# 
_refine_ls_shell.pdbx_total_number_of_bins_used   20 
_refine_ls_shell.d_res_high                       2.500 
_refine_ls_shell.d_res_low                        2.565 
_refine_ls_shell.number_reflns_R_work             199 
_refine_ls_shell.R_factor_R_work                  0.268 
_refine_ls_shell.percent_reflns_obs               100.00 
_refine_ls_shell.R_factor_R_free                  0.414 
_refine_ls_shell.R_factor_R_free_error            ? 
_refine_ls_shell.percent_reflns_R_free            ? 
_refine_ls_shell.number_reflns_R_free             12 
_refine_ls_shell.number_reflns_all                ? 
_refine_ls_shell.R_factor_all                     ? 
_refine_ls_shell.number_reflns_obs                199 
_refine_ls_shell.redundancy_reflns_obs            ? 
_refine_ls_shell.pdbx_refine_id                   'X-RAY DIFFRACTION' 
# 
_struct.entry_id                  3CE5 
_struct.title                     
'A bimolecular parallel-stranded human telomeric quadruplex in complex with a 3,6,9-trisubstituted acridine molecule BRACO19' 
_struct.pdbx_model_details        ? 
_struct.pdbx_CASP_flag            ? 
_struct.pdbx_model_type_details   ? 
# 
_struct_keywords.entry_id        3CE5 
_struct_keywords.pdbx_keywords   DNA 
_struct_keywords.text            
'bimolecular, parallel, human, telomere, quadruplex, complex, trisubstituted, acridine, BRACO19, DNA' 
# 
loop_
_struct_asym.id 
_struct_asym.pdbx_blank_PDB_chainid_flag 
_struct_asym.pdbx_modified 
_struct_asym.entity_id 
_struct_asym.details 
A N N 1 ? 
B N N 1 ? 
C N N 2 ? 
D N N 2 ? 
E N N 3 ? 
F N N 4 ? 
G N N 4 ? 
# 
_struct_biol.id        1 
_struct_biol.details   'The second part of the biologically relevant assembly is generated by the operation: -x+1/2, -y+1/2, z+1/2' 
# 
loop_
_struct_conn.id 
_struct_conn.conn_type_id 
_struct_conn.pdbx_leaving_atom_flag 
_struct_conn.pdbx_PDB_id 
_struct_conn.ptnr1_label_asym_id 
_struct_conn.ptnr1_label_comp_id 
_struct_conn.ptnr1_label_seq_id 
_struct_conn.ptnr1_label_atom_id 
_struct_conn.pdbx_ptnr1_label_alt_id 
_struct_conn.pdbx_ptnr1_PDB_ins_code 
_struct_conn.pdbx_ptnr1_standard_comp_id 
_struct_conn.ptnr1_symmetry 
_struct_conn.ptnr2_label_asym_id 
_struct_conn.ptnr2_label_comp_id 
_struct_conn.ptnr2_label_seq_id 
_struct_conn.ptnr2_label_atom_id 
_struct_conn.pdbx_ptnr2_label_alt_id 
_struct_conn.pdbx_ptnr2_PDB_ins_code 
_struct_conn.ptnr1_auth_asym_id 
_struct_conn.ptnr1_auth_comp_id 
_struct_conn.ptnr1_auth_seq_id 
_struct_conn.ptnr2_auth_asym_id 
_struct_conn.ptnr2_auth_comp_id 
_struct_conn.ptnr2_auth_seq_id 
_struct_conn.ptnr2_symmetry 
_struct_conn.pdbx_ptnr3_label_atom_id 
_struct_conn.pdbx_ptnr3_label_seq_id 
_struct_conn.pdbx_ptnr3_label_comp_id 
_struct_conn.pdbx_ptnr3_label_asym_id 
_struct_conn.pdbx_ptnr3_label_alt_id 
_struct_conn.pdbx_ptnr3_PDB_ins_code 
_struct_conn.details 
_struct_conn.pdbx_dist_value 
_struct_conn.pdbx_value_order 
_struct_conn.pdbx_role 
metalc1  metalc ? ? A DG 5  O6 ? ? ? 1_555 D K  .  K  ? ? A DG 5  A K  26 1_555 ? ? ? ? ? ? ?                       2.563 ? ? 
metalc2  metalc ? ? A DG 9  O6 ? ? ? 1_555 C K  .  K  ? ? A DG 9  A K  25 1_555 ? ? ? ? ? ? ?                       2.760 ? ? 
metalc3  metalc ? ? A DG 10 O6 ? ? ? 1_555 C K  .  K  ? ? A DG 10 A K  25 1_555 ? ? ? ? ? ? ?                       2.874 ? ? 
metalc4  metalc ? ? C K  .  K  ? ? ? 1_555 B DG 9  O6 ? ? A K  25 B DG 21 1_555 ? ? ? ? ? ? ?                       2.845 ? ? 
metalc5  metalc ? ? C K  .  K  ? ? ? 1_555 B DG 10 O6 ? ? A K  25 B DG 22 1_555 ? ? ? ? ? ? ?                       2.933 ? ? 
metalc6  metalc ? ? D K  .  K  ? ? ? 1_555 B DG 5  O6 ? ? A K  26 B DG 17 1_555 ? ? ? ? ? ? ?                       2.846 ? ? 
metalc7  metalc ? ? D K  .  K  ? ? ? 1_555 B DG 10 O6 ? ? A K  26 B DG 22 1_555 ? ? ? ? ? ? ?                       2.888 ? ? 
metalc8  metalc ? ? D K  .  K  ? ? ? 1_555 B DG 11 O6 ? ? A K  26 B DG 23 1_555 ? ? ? ? ? ? ?                       2.824 ? ? 
hydrog1  hydrog ? ? A DA 2  N1 ? ? ? 1_555 B DT 1  N3 ? ? A DA 2  B DT 13 1_555 ? ? ? ? ? ? 'REVERSED WATSON-CRICK' ?     ? ? 
hydrog2  hydrog ? ? A DA 2  N6 ? ? ? 1_555 B DT 1  O2 ? ? A DA 2  B DT 13 1_555 ? ? ? ? ? ? 'REVERSED WATSON-CRICK' ?     ? ? 
hydrog3  hydrog ? ? A DG 3  N1 ? ? ? 1_555 A DG 9  O6 ? ? A DG 3  A DG 9  1_555 ? ? ? ? ? ? TYPE_6_PAIR             ?     ? ? 
hydrog4  hydrog ? ? A DG 3  N2 ? ? ? 1_555 A DG 9  N7 ? ? A DG 3  A DG 9  1_555 ? ? ? ? ? ? TYPE_6_PAIR             ?     ? ? 
hydrog5  hydrog ? ? A DG 3  N7 ? ? ? 1_555 B DG 9  N2 ? ? A DG 3  B DG 21 1_555 ? ? ? ? ? ? TYPE_6_PAIR             ?     ? ? 
hydrog6  hydrog ? ? A DG 3  O6 ? ? ? 1_555 B DG 9  N1 ? ? A DG 3  B DG 21 1_555 ? ? ? ? ? ? TYPE_6_PAIR             ?     ? ? 
hydrog7  hydrog ? ? A DG 4  N1 ? ? ? 1_555 A DG 10 O6 ? ? A DG 4  A DG 10 1_555 ? ? ? ? ? ? TYPE_6_PAIR             ?     ? ? 
hydrog8  hydrog ? ? A DG 4  N2 ? ? ? 1_555 A DG 10 N7 ? ? A DG 4  A DG 10 1_555 ? ? ? ? ? ? TYPE_6_PAIR             ?     ? ? 
hydrog9  hydrog ? ? A DG 4  N7 ? ? ? 1_555 B DG 10 N2 ? ? A DG 4  B DG 22 1_555 ? ? ? ? ? ? TYPE_6_PAIR             ?     ? ? 
hydrog10 hydrog ? ? A DG 4  O6 ? ? ? 1_555 B DG 10 N1 ? ? A DG 4  B DG 22 1_555 ? ? ? ? ? ? TYPE_6_PAIR             ?     ? ? 
hydrog11 hydrog ? ? A DG 5  N1 ? ? ? 1_555 A DG 11 O6 ? ? A DG 5  A DG 11 1_555 ? ? ? ? ? ? TYPE_6_PAIR             ?     ? ? 
hydrog12 hydrog ? ? A DG 5  N2 ? ? ? 1_555 A DG 11 N7 ? ? A DG 5  A DG 11 1_555 ? ? ? ? ? ? TYPE_6_PAIR             ?     ? ? 
hydrog13 hydrog ? ? A DG 5  N7 ? ? ? 1_555 B DG 11 N2 ? ? A DG 5  B DG 23 1_555 ? ? ? ? ? ? TYPE_6_PAIR             ?     ? ? 
hydrog14 hydrog ? ? A DG 5  O6 ? ? ? 1_555 B DG 11 N1 ? ? A DG 5  B DG 23 1_555 ? ? ? ? ? ? TYPE_6_PAIR             ?     ? ? 
hydrog15 hydrog ? ? A DG 9  N1 ? ? ? 1_555 B DG 3  O6 ? ? A DG 9  B DG 15 1_555 ? ? ? ? ? ? TYPE_6_PAIR             ?     ? ? 
hydrog16 hydrog ? ? A DG 9  N2 ? ? ? 1_555 B DG 3  N7 ? ? A DG 9  B DG 15 1_555 ? ? ? ? ? ? TYPE_6_PAIR             ?     ? ? 
hydrog17 hydrog ? ? A DG 10 N1 ? ? ? 1_555 B DG 4  O6 ? ? A DG 10 B DG 16 1_555 ? ? ? ? ? ? TYPE_6_PAIR             ?     ? ? 
hydrog18 hydrog ? ? A DG 10 N2 ? ? ? 1_555 B DG 4  N7 ? ? A DG 10 B DG 16 1_555 ? ? ? ? ? ? TYPE_6_PAIR             ?     ? ? 
hydrog19 hydrog ? ? A DG 11 N1 ? ? ? 1_555 B DG 5  O6 ? ? A DG 11 B DG 17 1_555 ? ? ? ? ? ? TYPE_6_PAIR             ?     ? ? 
hydrog20 hydrog ? ? A DG 11 N2 ? ? ? 1_555 B DG 5  N7 ? ? A DG 11 B DG 17 1_555 ? ? ? ? ? ? TYPE_6_PAIR             ?     ? ? 
hydrog21 hydrog ? ? B DG 3  N1 ? ? ? 1_555 B DG 9  O6 ? ? B DG 15 B DG 21 1_555 ? ? ? ? ? ? TYPE_6_PAIR             ?     ? ? 
hydrog22 hydrog ? ? B DG 3  N2 ? ? ? 1_555 B DG 9  N7 ? ? B DG 15 B DG 21 1_555 ? ? ? ? ? ? TYPE_6_PAIR             ?     ? ? 
hydrog23 hydrog ? ? B DG 4  N1 ? ? ? 1_555 B DG 10 O6 ? ? B DG 16 B DG 22 1_555 ? ? ? ? ? ? TYPE_6_PAIR             ?     ? ? 
hydrog24 hydrog ? ? B DG 4  N2 ? ? ? 1_555 B DG 10 N7 ? ? B DG 16 B DG 22 1_555 ? ? ? ? ? ? TYPE_6_PAIR             ?     ? ? 
hydrog25 hydrog ? ? B DG 5  N1 ? ? ? 1_555 B DG 11 O6 ? ? B DG 17 B DG 23 1_555 ? ? ? ? ? ? TYPE_6_PAIR             ?     ? ? 
hydrog26 hydrog ? ? B DG 5  N2 ? ? ? 1_555 B DG 11 N7 ? ? B DG 17 B DG 23 1_555 ? ? ? ? ? ? TYPE_6_PAIR             ?     ? ? 
# 
loop_
_struct_conn_type.id 
_struct_conn_type.criteria 
_struct_conn_type.reference 
metalc ? ? 
hydrog ? ? 
# 
loop_
_struct_site.id 
_struct_site.pdbx_evidence_code 
_struct_site.pdbx_auth_asym_id 
_struct_site.pdbx_auth_comp_id 
_struct_site.pdbx_auth_seq_id 
_struct_site.pdbx_auth_ins_code 
_struct_site.pdbx_num_residues 
_struct_site.details 
AC1 Software A K   25 ? 8  'BINDING SITE FOR RESIDUE K A 25'   
AC2 Software A K   26 ? 8  'BINDING SITE FOR RESIDUE K A 26'   
AC3 Software A BRA 27 ? 11 'BINDING SITE FOR RESIDUE BRA A 27' 
1   ?        ? ?   ?  ? ?  ?                                   
# 
loop_
_struct_site_gen.id 
_struct_site_gen.site_id 
_struct_site_gen.pdbx_num_res 
_struct_site_gen.label_comp_id 
_struct_site_gen.label_asym_id 
_struct_site_gen.label_seq_id 
_struct_site_gen.pdbx_auth_ins_code 
_struct_site_gen.auth_comp_id 
_struct_site_gen.auth_asym_id 
_struct_site_gen.auth_seq_id 
_struct_site_gen.label_atom_id 
_struct_site_gen.label_alt_id 
_struct_site_gen.symmetry 
_struct_site_gen.details 
1  AC1 8  DG A 3  ? DG A 3  . ? 1_555 ? 
2  AC1 8  DG A 4  ? DG A 4  . ? 1_555 ? 
3  AC1 8  DG A 9  ? DG A 9  . ? 1_555 ? 
4  AC1 8  DG A 10 ? DG A 10 . ? 1_555 ? 
5  AC1 8  DG B 3  ? DG B 15 . ? 1_555 ? 
6  AC1 8  DG B 4  ? DG B 16 . ? 1_555 ? 
7  AC1 8  DG B 9  ? DG B 21 . ? 1_555 ? 
8  AC1 8  DG B 10 ? DG B 22 . ? 1_555 ? 
9  AC2 8  DG A 4  ? DG A 4  . ? 1_555 ? 
10 AC2 8  DG A 5  ? DG A 5  . ? 1_555 ? 
11 AC2 8  DG A 10 ? DG A 10 . ? 1_555 ? 
12 AC2 8  DG A 11 ? DG A 11 . ? 1_555 ? 
13 AC2 8  DG B 4  ? DG B 16 . ? 1_555 ? 
14 AC2 8  DG B 5  ? DG B 17 . ? 1_555 ? 
15 AC2 8  DG B 10 ? DG B 22 . ? 1_555 ? 
16 AC2 8  DG B 11 ? DG B 23 . ? 1_555 ? 
17 AC3 11 DT A 1  ? DT A 1  . ? 6_555 ? 
18 AC3 11 DA A 2  ? DA A 2  . ? 6_555 ? 
19 AC3 11 DG A 5  ? DG A 5  . ? 1_555 ? 
20 AC3 11 DT A 6  ? DT A 6  . ? 1_555 ? 
21 AC3 11 DG A 11 ? DG A 11 . ? 1_555 ? 
22 AC3 11 DT A 12 ? DT A 12 . ? 1_555 ? 
23 AC3 11 DT B 1  ? DT B 13 . ? 6_555 ? 
24 AC3 11 DA B 2  ? DA B 14 . ? 6_555 ? 
25 AC3 11 DG B 5  ? DG B 17 . ? 1_555 ? 
26 AC3 11 DA B 8  ? DA B 20 . ? 6_555 ? 
27 AC3 11 DT B 12 ? DT B 24 . ? 1_555 ? 
# 
_atom_sites.entry_id                    3CE5 
_atom_sites.fract_transf_matrix[1][1]   0.01070538 
_atom_sites.fract_transf_matrix[1][2]   0.00686006 
_atom_sites.fract_transf_matrix[1][3]   0.00636062 
_atom_sites.fract_transf_matrix[2][1]   0.00887160 
_atom_sites.fract_transf_matrix[2][2]   -0.01051184 
_atom_sites.fract_transf_matrix[2][3]   -0.00359429 
_atom_sites.fract_transf_matrix[3][1]   0.00608882 
_atom_sites.fract_transf_matrix[3][2]   0.01369212 
_atom_sites.fract_transf_matrix[3][3]   -0.02501515 
_atom_sites.fract_transf_vector[1]      0.243622 
_atom_sites.fract_transf_vector[2]      0.196474 
_atom_sites.fract_transf_vector[3]      0.099546 
# 
loop_
_atom_type.symbol 
C 
K 
N 
O 
P 
# 
loop_
_atom_site.group_PDB 
_atom_site.id 
_atom_site.type_symbol 
_atom_site.label_atom_id 
_atom_site.label_alt_id 
_atom_site.label_comp_id 
_atom_site.label_asym_id 
_atom_site.label_entity_id 
_atom_site.label_seq_id 
_atom_site.pdbx_PDB_ins_code 
_atom_site.Cartn_x 
_atom_site.Cartn_y 
_atom_site.Cartn_z 
_atom_site.occupancy 
_atom_site.B_iso_or_equiv 
_atom_site.pdbx_formal_charge 
_atom_site.auth_seq_id 
_atom_site.auth_comp_id 
_atom_site.auth_asym_id 
_atom_site.auth_atom_id 
_atom_site.pdbx_PDB_model_num 
ATOM   1   O "O5'" . DT  A 1 1  ? -4.724  -0.396  9.705   1.00 41.79 ? 1  DT  A "O5'" 1 
ATOM   2   C "C5'" . DT  A 1 1  ? -6.015  0.204   10.197  1.00 45.33 ? 1  DT  A "C5'" 1 
ATOM   3   C "C4'" . DT  A 1 1  ? -7.358  -0.571  9.997   1.00 43.85 ? 1  DT  A "C4'" 1 
ATOM   4   O "O4'" . DT  A 1 1  ? -7.184  -2.012  9.999   1.00 40.17 ? 1  DT  A "O4'" 1 
ATOM   5   C "C3'" . DT  A 1 1  ? -8.487  -0.328  11.043  1.00 46.50 ? 1  DT  A "C3'" 1 
ATOM   6   O "O3'" . DT  A 1 1  ? -9.983  -0.201  10.633  1.00 49.18 ? 1  DT  A "O3'" 1 
ATOM   7   C "C2'" . DT  A 1 1  ? -8.232  -1.450  12.068  1.00 42.35 ? 1  DT  A "C2'" 1 
ATOM   8   C "C1'" . DT  A 1 1  ? -7.740  -2.582  11.174  1.00 37.20 ? 1  DT  A "C1'" 1 
ATOM   9   N N1    . DT  A 1 1  ? -6.808  -3.607  11.800  1.00 32.87 ? 1  DT  A N1    1 
ATOM   10  C C2    . DT  A 1 1  ? -7.395  -4.710  12.359  1.00 30.44 ? 1  DT  A C2    1 
ATOM   11  O O2    . DT  A 1 1  ? -8.584  -4.902  12.376  1.00 29.49 ? 1  DT  A O2    1 
ATOM   12  N N3    . DT  A 1 1  ? -6.539  -5.631  12.893  1.00 29.43 ? 1  DT  A N3    1 
ATOM   13  C C4    . DT  A 1 1  ? -5.156  -5.584  12.946  1.00 30.78 ? 1  DT  A C4    1 
ATOM   14  O O4    . DT  A 1 1  ? -4.525  -6.509  13.445  1.00 34.72 ? 1  DT  A O4    1 
ATOM   15  C C5    . DT  A 1 1  ? -4.537  -4.403  12.365  1.00 29.20 ? 1  DT  A C5    1 
ATOM   16  C C7    . DT  A 1 1  ? -3.035  -4.260  12.406  1.00 23.49 ? 1  DT  A C7    1 
ATOM   17  C C6    . DT  A 1 1  ? -5.398  -3.488  11.821  1.00 32.34 ? 1  DT  A C6    1 
ATOM   18  P P     A DA  A 1 2  ? -10.510 0.690   9.394   0.50 48.71 ? 2  DA  A P     1 
ATOM   19  P P     B DA  A 1 2  ? -10.850 -1.107  9.560   0.50 50.76 ? 2  DA  A P     1 
ATOM   20  O OP1   A DA  A 1 2  ? -9.622  1.868   9.279   0.50 47.74 ? 2  DA  A OP1   1 
ATOM   21  O OP1   B DA  A 1 2  ? -12.299 -0.887  9.745   0.50 47.29 ? 2  DA  A OP1   1 
ATOM   22  O OP2   A DA  A 1 2  ? -11.959 0.865   9.584   0.50 49.85 ? 2  DA  A OP2   1 
ATOM   23  O OP2   B DA  A 1 2  ? -10.464 -2.523  9.588   0.50 49.32 ? 2  DA  A OP2   1 
ATOM   24  O "O5'" . DA  A 1 2  ? -10.305 -0.409  8.196   1.00 50.72 ? 2  DA  A "O5'" 1 
ATOM   25  C "C5'" . DA  A 1 2  ? -11.010 -0.655  6.894   1.00 49.52 ? 2  DA  A "C5'" 1 
ATOM   26  C "C4'" . DA  A 1 2  ? -10.137 -0.372  5.640   1.00 46.65 ? 2  DA  A "C4'" 1 
ATOM   27  O "O4'" . DA  A 1 2  ? -8.727  -0.664  5.903   1.00 44.01 ? 2  DA  A "O4'" 1 
ATOM   28  C "C3'" . DA  A 1 2  ? -10.453 -1.074  4.301   1.00 45.29 ? 2  DA  A "C3'" 1 
ATOM   29  O "O3'" . DA  A 1 2  ? -10.635 -0.176  3.122   1.00 43.78 ? 2  DA  A "O3'" 1 
ATOM   30  C "C2'" . DA  A 1 2  ? -9.211  -1.918  4.089   1.00 43.28 ? 2  DA  A "C2'" 1 
ATOM   31  C "C1'" . DA  A 1 2  ? -8.191  -0.967  4.663   1.00 39.80 ? 2  DA  A "C1'" 1 
ATOM   32  N N9    . DA  A 1 2  ? -6.881  -1.553  4.842   1.00 36.14 ? 2  DA  A N9    1 
ATOM   33  C C8    . DA  A 1 2  ? -6.484  -2.808  4.508   1.00 34.19 ? 2  DA  A C8    1 
ATOM   34  N N7    . DA  A 1 2  ? -5.219  -3.021  4.720   1.00 32.87 ? 2  DA  A N7    1 
ATOM   35  C C5    . DA  A 1 2  ? -4.762  -1.816  5.209   1.00 30.92 ? 2  DA  A C5    1 
ATOM   36  C C6    . DA  A 1 2  ? -3.529  -1.388  5.660   1.00 29.76 ? 2  DA  A C6    1 
ATOM   37  N N6    . DA  A 1 2  ? -2.465  -2.181  5.687   1.00 34.56 ? 2  DA  A N6    1 
ATOM   38  N N1    . DA  A 1 2  ? -3.423  -0.139  6.103   1.00 27.61 ? 2  DA  A N1    1 
ATOM   39  C C2    . DA  A 1 2  ? -4.466  0.627   6.118   1.00 23.84 ? 2  DA  A C2    1 
ATOM   40  N N3    . DA  A 1 2  ? -5.679  0.352   5.738   1.00 26.78 ? 2  DA  A N3    1 
ATOM   41  C C4    . DA  A 1 2  ? -5.764  -0.899  5.299   1.00 31.82 ? 2  DA  A C4    1 
ATOM   42  P P     . DG  A 1 3  ? -11.745 1.003   3.107   1.00 44.13 ? 3  DG  A P     1 
ATOM   43  O OP1   . DG  A 1 3  ? -12.469 1.109   4.430   1.00 38.96 ? 3  DG  A OP1   1 
ATOM   44  O OP2   . DG  A 1 3  ? -12.501 0.618   1.913   1.00 41.99 ? 3  DG  A OP2   1 
ATOM   45  O "O5'" . DG  A 1 3  ? -10.913 2.357   2.767   1.00 37.18 ? 3  DG  A "O5'" 1 
ATOM   46  C "C5'" . DG  A 1 3  ? -10.820 3.302   3.809   1.00 34.08 ? 3  DG  A "C5'" 1 
ATOM   47  C "C4'" . DG  A 1 3  ? -9.834  4.386   3.454   1.00 30.12 ? 3  DG  A "C4'" 1 
ATOM   48  O "O4'" . DG  A 1 3  ? -8.490  3.882   3.659   1.00 32.71 ? 3  DG  A "O4'" 1 
ATOM   49  C "C3'" . DG  A 1 3  ? -9.761  4.912   2.032   1.00 28.21 ? 3  DG  A "C3'" 1 
ATOM   50  O "O3'" . DG  A 1 3  ? -9.307  6.240   2.149   1.00 23.15 ? 3  DG  A "O3'" 1 
ATOM   51  C "C2'" . DG  A 1 3  ? -8.714  4.033   1.362   1.00 24.33 ? 3  DG  A "C2'" 1 
ATOM   52  C "C1'" . DG  A 1 3  ? -7.729  3.873   2.491   1.00 25.09 ? 3  DG  A "C1'" 1 
ATOM   53  N N9    . DG  A 1 3  ? -6.966  2.647   2.421   1.00 23.46 ? 3  DG  A N9    1 
ATOM   54  C C8    . DG  A 1 3  ? -7.341  1.433   1.914   1.00 22.09 ? 3  DG  A C8    1 
ATOM   55  N N7    . DG  A 1 3  ? -6.413  0.501   1.990   1.00 21.55 ? 3  DG  A N7    1 
ATOM   56  C C5    . DG  A 1 3  ? -5.351  1.157   2.562   1.00 21.22 ? 3  DG  A C5    1 
ATOM   57  C C6    . DG  A 1 3  ? -4.072  0.706   2.880   1.00 21.13 ? 3  DG  A C6    1 
ATOM   58  O O6    . DG  A 1 3  ? -3.614  -0.388  2.701   1.00 28.42 ? 3  DG  A O6    1 
ATOM   59  N N1    . DG  A 1 3  ? -3.269  1.616   3.489   1.00 17.29 ? 3  DG  A N1    1 
ATOM   60  C C2    . DG  A 1 3  ? -3.672  2.894   3.732   1.00 17.82 ? 3  DG  A C2    1 
ATOM   61  N N2    . DG  A 1 3  ? -2.832  3.709   4.316   1.00 13.02 ? 3  DG  A N2    1 
ATOM   62  N N3    . DG  A 1 3  ? -4.856  3.363   3.450   1.00 22.61 ? 3  DG  A N3    1 
ATOM   63  C C4    . DG  A 1 3  ? -5.665  2.454   2.849   1.00 22.53 ? 3  DG  A C4    1 
ATOM   64  P P     . DG  A 1 4  ? -9.095  7.144   0.920   1.00 25.57 ? 4  DG  A P     1 
ATOM   65  O OP1   . DG  A 1 4  ? -9.815  8.369   1.119   1.00 27.32 ? 4  DG  A OP1   1 
ATOM   66  O OP2   . DG  A 1 4  ? -9.353  6.453   -0.333  1.00 21.55 ? 4  DG  A OP2   1 
ATOM   67  O "O5'" . DG  A 1 4  ? -7.548  7.467   1.023   1.00 22.50 ? 4  DG  A "O5'" 1 
ATOM   68  C "C5'" . DG  A 1 4  ? -6.892  7.674   2.206   1.00 20.79 ? 4  DG  A "C5'" 1 
ATOM   69  C "C4'" . DG  A 1 4  ? -5.485  8.212   1.929   1.00 22.15 ? 4  DG  A "C4'" 1 
ATOM   70  O "O4'" . DG  A 1 4  ? -4.575  7.108   2.010   1.00 19.42 ? 4  DG  A "O4'" 1 
ATOM   71  C "C3'" . DG  A 1 4  ? -5.191  8.890   0.571   1.00 22.96 ? 4  DG  A "C3'" 1 
ATOM   72  O "O3'" . DG  A 1 4  ? -4.349  10.050  0.677   1.00 23.35 ? 4  DG  A "O3'" 1 
ATOM   73  C "C2'" . DG  A 1 4  ? -4.566  7.758   -0.205  1.00 22.16 ? 4  DG  A "C2'" 1 
ATOM   74  C "C1'" . DG  A 1 4  ? -3.794  7.035   0.868   1.00 19.86 ? 4  DG  A "C1'" 1 
ATOM   75  N N9    . DG  A 1 4  ? -3.595  5.622   0.592   1.00 17.05 ? 4  DG  A N9    1 
ATOM   76  C C8    . DG  A 1 4  ? -4.485  4.776   0.038   1.00 15.51 ? 4  DG  A C8    1 
ATOM   77  N N7    . DG  A 1 4  ? -4.045  3.574   -0.093  1.00 18.25 ? 4  DG  A N7    1 
ATOM   78  C C5    . DG  A 1 4  ? -2.795  3.626   0.452   1.00 15.75 ? 4  DG  A C5    1 
ATOM   79  C C6    . DG  A 1 4  ? -1.837  2.627   0.577   1.00 14.21 ? 4  DG  A C6    1 
ATOM   80  O O6    . DG  A 1 4  ? -1.957  1.432   0.275   1.00 20.27 ? 4  DG  A O6    1 
ATOM   81  N N1    . DG  A 1 4  ? -0.658  3.075   1.134   1.00 9.61  ? 4  DG  A N1    1 
ATOM   82  C C2    . DG  A 1 4  ? -0.414  4.324   1.579   1.00 9.90  ? 4  DG  A C2    1 
ATOM   83  N N2    . DG  A 1 4  ? 0.771   4.532   2.128   1.00 7.00  ? 4  DG  A N2    1 
ATOM   84  N N3    . DG  A 1 4  ? -1.307  5.296   1.460   1.00 16.03 ? 4  DG  A N3    1 
ATOM   85  C C4    . DG  A 1 4  ? -2.478  4.881   0.874   1.00 17.39 ? 4  DG  A C4    1 
ATOM   86  P P     . DG  A 1 5  ? -3.842  10.834  -0.567  1.00 24.86 ? 5  DG  A P     1 
ATOM   87  O OP1   . DG  A 1 5  ? -3.991  12.246  -0.441  1.00 28.21 ? 5  DG  A OP1   1 
ATOM   88  O OP2   . DG  A 1 5  ? -4.377  10.198  -1.756  1.00 27.82 ? 5  DG  A OP2   1 
ATOM   89  O "O5'" . DG  A 1 5  ? -2.301  10.596  -0.551  1.00 22.26 ? 5  DG  A "O5'" 1 
ATOM   90  C "C5'" . DG  A 1 5  ? -1.664  10.272  0.607   1.00 18.09 ? 5  DG  A "C5'" 1 
ATOM   91  C "C4'" . DG  A 1 5  ? -0.190  10.170  0.326   1.00 20.09 ? 5  DG  A "C4'" 1 
ATOM   92  O "O4'" . DG  A 1 5  ? 0.131   8.768   0.282   1.00 19.32 ? 5  DG  A "O4'" 1 
ATOM   93  C "C3'" . DG  A 1 5  ? 0.284   10.749  -1.007  1.00 22.36 ? 5  DG  A "C3'" 1 
ATOM   94  O "O3'" . DG  A 1 5  ? 1.542   11.429  -0.816  1.00 27.61 ? 5  DG  A "O3'" 1 
ATOM   95  C "C2'" . DG  A 1 5  ? 0.427   9.547   -1.930  1.00 17.87 ? 5  DG  A "C2'" 1 
ATOM   96  C "C1'" . DG  A 1 5  ? 0.762   8.433   -0.957  1.00 18.06 ? 5  DG  A "C1'" 1 
ATOM   97  N N9    . DG  A 1 5  ? 0.373   7.093   -1.408  1.00 15.49 ? 5  DG  A N9    1 
ATOM   98  C C8    . DG  A 1 5  ? -0.841  6.739   -1.944  1.00 13.85 ? 5  DG  A C8    1 
ATOM   99  N N7    . DG  A 1 5  ? -0.929  5.487   -2.260  1.00 15.72 ? 5  DG  A N7    1 
ATOM   100 C C5    . DG  A 1 5  ? 0.321   4.956   -1.905  1.00 14.29 ? 5  DG  A C5    1 
ATOM   101 C C6    . DG  A 1 5  ? 0.833   3.654   -1.990  1.00 13.25 ? 5  DG  A C6    1 
ATOM   102 O O6    . DG  A 1 5  ? 0.299   2.622   -2.393  1.00 18.02 ? 5  DG  A O6    1 
ATOM   103 N N1    . DG  A 1 5  ? 2.105   3.517   -1.500  1.00 9.67  ? 5  DG  A N1    1 
ATOM   104 C C2    . DG  A 1 5  ? 2.825   4.512   -0.953  1.00 11.77 ? 5  DG  A C2    1 
ATOM   105 N N2    . DG  A 1 5  ? 4.074   4.199   -0.522  1.00 7.92  ? 5  DG  A N2    1 
ATOM   106 N N3    . DG  A 1 5  ? 2.317   5.742   -0.852  1.00 14.67 ? 5  DG  A N3    1 
ATOM   107 C C4    . DG  A 1 5  ? 1.101   5.916   -1.361  1.00 13.33 ? 5  DG  A C4    1 
ATOM   108 P P     . DT  A 1 6  ? 1.824   12.816  -1.565  1.00 30.77 ? 6  DT  A P     1 
ATOM   109 O OP1   . DT  A 1 6  ? 1.370   12.692  -2.959  1.00 25.29 ? 6  DT  A OP1   1 
ATOM   110 O OP2   . DT  A 1 6  ? 3.187   13.094  -1.153  1.00 27.47 ? 6  DT  A OP2   1 
ATOM   111 O "O5'" . DT  A 1 6  ? 0.810   13.848  -0.927  1.00 26.46 ? 6  DT  A "O5'" 1 
ATOM   112 C "C5'" . DT  A 1 6  ? 1.052   14.204  0.367   1.00 29.78 ? 6  DT  A "C5'" 1 
ATOM   113 C "C4'" . DT  A 1 6  ? -0.058  15.063  0.925   1.00 29.14 ? 6  DT  A "C4'" 1 
ATOM   114 O "O4'" . DT  A 1 6  ? -1.230  14.237  1.141   1.00 26.67 ? 6  DT  A "O4'" 1 
ATOM   115 C "C3'" . DT  A 1 6  ? 0.328   15.685  2.281   1.00 30.00 ? 6  DT  A "C3'" 1 
ATOM   116 O "O3'" . DT  A 1 6  ? 0.267   17.131  2.342   1.00 31.51 ? 6  DT  A "O3'" 1 
ATOM   117 C "C2'" . DT  A 1 6  ? -0.743  15.124  3.206   1.00 27.25 ? 6  DT  A "C2'" 1 
ATOM   118 C "C1'" . DT  A 1 6  ? -1.873  14.723  2.280   1.00 23.53 ? 6  DT  A "C1'" 1 
ATOM   119 N N1    . DT  A 1 6  ? -2.638  13.616  2.756   1.00 23.19 ? 6  DT  A N1    1 
ATOM   120 C C2    . DT  A 1 6  ? -3.979  13.701  2.640   1.00 26.46 ? 6  DT  A C2    1 
ATOM   121 O O2    . DT  A 1 6  ? -4.436  14.695  2.141   1.00 32.45 ? 6  DT  A O2    1 
ATOM   122 N N3    . DT  A 1 6  ? -4.747  12.641  3.095   1.00 22.61 ? 6  DT  A N3    1 
ATOM   123 C C4    . DT  A 1 6  ? -4.207  11.541  3.679   1.00 19.87 ? 6  DT  A C4    1 
ATOM   124 O O4    . DT  A 1 6  ? -4.862  10.641  4.057   1.00 17.83 ? 6  DT  A O4    1 
ATOM   125 C C5    . DT  A 1 6  ? -2.783  11.508  3.805   1.00 21.82 ? 6  DT  A C5    1 
ATOM   126 C C7    . DT  A 1 6  ? -2.139  10.310  4.414   1.00 22.37 ? 6  DT  A C7    1 
ATOM   127 C C6    . DT  A 1 6  ? -2.053  12.535  3.345   1.00 22.53 ? 6  DT  A C6    1 
ATOM   128 P P     . DT  A 1 7  ? 1.540   18.070  2.549   1.00 34.38 ? 7  DT  A P     1 
ATOM   129 O OP1   . DT  A 1 7  ? 0.946   19.390  2.414   1.00 35.25 ? 7  DT  A OP1   1 
ATOM   130 O OP2   . DT  A 1 7  ? 2.713   17.793  1.710   1.00 33.63 ? 7  DT  A OP2   1 
ATOM   131 O "O5'" . DT  A 1 7  ? 1.990   17.769  4.045   1.00 34.21 ? 7  DT  A "O5'" 1 
ATOM   132 C "C5'" . DT  A 1 7  ? 2.253   18.803  5.007   1.00 33.32 ? 7  DT  A "C5'" 1 
ATOM   133 C "C4'" . DT  A 1 7  ? 2.008   18.289  6.420   1.00 29.55 ? 7  DT  A "C4'" 1 
ATOM   134 O "O4'" . DT  A 1 7  ? 0.773   18.898  6.818   1.00 25.73 ? 7  DT  A "O4'" 1 
ATOM   135 C "C3'" . DT  A 1 7  ? 1.678   16.813  6.572   1.00 29.38 ? 7  DT  A "C3'" 1 
ATOM   136 O "O3'" . DT  A 1 7  ? 2.819   15.966  6.560   1.00 29.65 ? 7  DT  A "O3'" 1 
ATOM   137 C "C2'" . DT  A 1 7  ? 0.920   16.810  7.893   1.00 27.58 ? 7  DT  A "C2'" 1 
ATOM   138 C "C1'" . DT  A 1 7  ? 0.039   18.037  7.663   1.00 25.52 ? 7  DT  A "C1'" 1 
ATOM   139 N N1    . DT  A 1 7  ? -1.257  17.881  6.990   1.00 21.82 ? 7  DT  A N1    1 
ATOM   140 C C2    . DT  A 1 7  ? -2.282  17.388  7.676   1.00 23.87 ? 7  DT  A C2    1 
ATOM   141 O O2    . DT  A 1 7  ? -2.154  17.031  8.831   1.00 27.73 ? 7  DT  A O2    1 
ATOM   142 N N3    . DT  A 1 7  ? -3.457  17.323  6.952   1.00 24.95 ? 7  DT  A N3    1 
ATOM   143 C C4    . DT  A 1 7  ? -3.693  17.678  5.644   1.00 21.99 ? 7  DT  A C4    1 
ATOM   144 O O4    . DT  A 1 7  ? -4.768  17.577  5.058   1.00 25.10 ? 7  DT  A O4    1 
ATOM   145 C C5    . DT  A 1 7  ? -2.576  18.195  4.989   1.00 21.12 ? 7  DT  A C5    1 
ATOM   146 C C7    . DT  A 1 7  ? -2.756  18.590  3.563   1.00 24.24 ? 7  DT  A C7    1 
ATOM   147 C C6    . DT  A 1 7  ? -1.423  18.269  5.666   1.00 24.76 ? 7  DT  A C6    1 
ATOM   148 P P     . DA  A 1 8  ? 2.740   14.399  6.143   1.00 28.05 ? 8  DA  A P     1 
ATOM   149 O OP1   . DA  A 1 8  ? 4.092   13.974  6.578   1.00 30.68 ? 8  DA  A OP1   1 
ATOM   150 O OP2   . DA  A 1 8  ? 2.210   14.158  4.767   1.00 24.95 ? 8  DA  A OP2   1 
ATOM   151 O "O5'" . DA  A 1 8  ? 1.664   13.755  7.114   1.00 26.09 ? 8  DA  A "O5'" 1 
ATOM   152 C "C5'" . DA  A 1 8  ? 1.987   13.485  8.437   1.00 28.41 ? 8  DA  A "C5'" 1 
ATOM   153 C "C4'" . DA  A 1 8  ? 1.000   12.487  8.971   1.00 25.20 ? 8  DA  A "C4'" 1 
ATOM   154 O "O4'" . DA  A 1 8  ? -0.303  13.026  8.670   1.00 24.92 ? 8  DA  A "O4'" 1 
ATOM   155 C "C3'" . DA  A 1 8  ? 1.055   11.167  8.255   1.00 24.59 ? 8  DA  A "C3'" 1 
ATOM   156 O "O3'" . DA  A 1 8  ? 0.758   10.083  9.185   1.00 26.16 ? 8  DA  A "O3'" 1 
ATOM   157 C "C2'" . DA  A 1 8  ? 0.008   11.386  7.192   1.00 20.98 ? 8  DA  A "C2'" 1 
ATOM   158 C "C1'" . DA  A 1 8  ? -1.078  12.066  8.034   1.00 22.72 ? 8  DA  A "C1'" 1 
ATOM   159 N N9    . DA  A 1 8  ? -2.050  12.868  7.301   1.00 18.72 ? 8  DA  A N9    1 
ATOM   160 C C8    . DA  A 1 8  ? -1.656  13.879  6.482   1.00 15.66 ? 8  DA  A C8    1 
ATOM   161 N N7    . DA  A 1 8  ? -2.646  14.452  5.888   1.00 19.14 ? 8  DA  A N7    1 
ATOM   162 C C5    . DA  A 1 8  ? -3.779  13.787  6.384   1.00 19.13 ? 8  DA  A C5    1 
ATOM   163 C C6    . DA  A 1 8  ? -5.158  14.027  6.142   1.00 17.94 ? 8  DA  A C6    1 
ATOM   164 N N6    . DA  A 1 8  ? -5.486  14.989  5.305   1.00 20.33 ? 8  DA  A N6    1 
ATOM   165 N N1    . DA  A 1 8  ? -6.094  13.262  6.712   1.00 14.52 ? 8  DA  A N1    1 
ATOM   166 C C2    . DA  A 1 8  ? -5.571  12.308  7.544   1.00 19.99 ? 8  DA  A C2    1 
ATOM   167 N N3    . DA  A 1 8  ? -4.288  12.014  7.886   1.00 16.43 ? 8  DA  A N3    1 
ATOM   168 C C4    . DA  A 1 8  ? -3.426  12.786  7.250   1.00 15.21 ? 8  DA  A C4    1 
ATOM   169 P P     . DG  A 1 9  ? 1.952   9.337   9.952   1.00 23.89 ? 9  DG  A P     1 
ATOM   170 O OP1   . DG  A 1 9  ? 1.374   8.620   11.110  1.00 20.70 ? 9  DG  A OP1   1 
ATOM   171 O OP2   . DG  A 1 9  ? 3.051   10.241  10.159  1.00 22.23 ? 9  DG  A OP2   1 
ATOM   172 O "O5'" . DG  A 1 9  ? 2.437   8.346   8.841   1.00 23.18 ? 9  DG  A "O5'" 1 
ATOM   173 C "C5'" . DG  A 1 9  ? 2.300   6.933   9.014   1.00 19.06 ? 9  DG  A "C5'" 1 
ATOM   174 C "C4'" . DG  A 1 9  ? 3.309   6.123   8.218   1.00 17.87 ? 9  DG  A "C4'" 1 
ATOM   175 O "O4'" . DG  A 1 9  ? 2.732   4.864   7.780   1.00 17.03 ? 9  DG  A "O4'" 1 
ATOM   176 C "C3'" . DG  A 1 9  ? 4.018   6.714   7.005   1.00 19.17 ? 9  DG  A "C3'" 1 
ATOM   177 O "O3'" . DG  A 1 9  ? 5.469   6.525   7.220   1.00 22.58 ? 9  DG  A "O3'" 1 
ATOM   178 C "C2'" . DG  A 1 9  ? 3.406   5.912   5.886   1.00 14.07 ? 9  DG  A "C2'" 1 
ATOM   179 C "C1'" . DG  A 1 9  ? 3.175   4.555   6.512   1.00 16.73 ? 9  DG  A "C1'" 1 
ATOM   180 N N9    . DG  A 1 9  ? 2.098   3.801   5.890   1.00 15.39 ? 9  DG  A N9    1 
ATOM   181 C C8    . DG  A 1 9  ? 0.897   4.316   5.510   1.00 15.70 ? 9  DG  A C8    1 
ATOM   182 N N7    . DG  A 1 9  ? 0.134   3.439   4.968   1.00 17.40 ? 9  DG  A N7    1 
ATOM   183 C C5    . DG  A 1 9  ? 0.858   2.290   4.975   1.00 16.29 ? 9  DG  A C5    1 
ATOM   184 C C6    . DG  A 1 9  ? 0.495   0.997   4.543   1.00 19.68 ? 9  DG  A C6    1 
ATOM   185 O O6    . DG  A 1 9  ? -0.602  0.704   4.012   1.00 20.86 ? 9  DG  A O6    1 
ATOM   186 N N1    . DG  A 1 9  ? 1.522   0.049   4.739   1.00 14.29 ? 9  DG  A N1    1 
ATOM   187 C C2    . DG  A 1 9  ? 2.740   0.347   5.308   1.00 15.37 ? 9  DG  A C2    1 
ATOM   188 N N2    . DG  A 1 9  ? 3.695   -0.602  5.510   1.00 10.48 ? 9  DG  A N2    1 
ATOM   189 N N3    . DG  A 1 9  ? 3.014   1.571   5.741   1.00 18.69 ? 9  DG  A N3    1 
ATOM   190 C C4    . DG  A 1 9  ? 2.059   2.493   5.547   1.00 14.89 ? 9  DG  A C4    1 
ATOM   191 P P     . DG  A 1 10 ? 6.626   7.015   6.291   1.00 21.69 ? 10 DG  A P     1 
ATOM   192 O OP1   . DG  A 1 10 ? 7.767   7.359   7.076   1.00 23.98 ? 10 DG  A OP1   1 
ATOM   193 O OP2   . DG  A 1 10 ? 6.115   7.984   5.357   1.00 22.38 ? 10 DG  A OP2   1 
ATOM   194 O "O5'" . DG  A 1 10 ? 7.044   5.727   5.528   1.00 24.06 ? 10 DG  A "O5'" 1 
ATOM   195 C "C5'" . DG  A 1 10 ? 7.525   4.605   6.218   1.00 23.61 ? 10 DG  A "C5'" 1 
ATOM   196 C "C4'" . DG  A 1 10 ? 7.896   3.497   5.234   1.00 23.95 ? 10 DG  A "C4'" 1 
ATOM   197 O "O4'" . DG  A 1 10 ? 6.786   2.686   4.843   1.00 20.59 ? 10 DG  A "O4'" 1 
ATOM   198 C "C3'" . DG  A 1 10 ? 8.509   3.945   3.925   1.00 26.75 ? 10 DG  A "C3'" 1 
ATOM   199 O "O3'" . DG  A 1 10 ? 9.665   3.159   3.671   1.00 28.32 ? 10 DG  A "O3'" 1 
ATOM   200 C "C2'" . DG  A 1 10 ? 7.354   3.768   2.941   1.00 22.38 ? 10 DG  A "C2'" 1 
ATOM   201 C "C1'" . DG  A 1 10 ? 6.776   2.518   3.467   1.00 19.94 ? 10 DG  A "C1'" 1 
ATOM   202 N N9    . DG  A 1 10 ? 5.397   2.430   2.993   1.00 19.23 ? 10 DG  A N9    1 
ATOM   203 C C8    . DG  A 1 10 ? 4.443   3.382   3.007   1.00 15.55 ? 10 DG  A C8    1 
ATOM   204 N N7    . DG  A 1 10 ? 3.327   2.961   2.506   1.00 16.57 ? 10 DG  A N7    1 
ATOM   205 C C5    . DG  A 1 10 ? 3.542   1.650   2.139   1.00 13.21 ? 10 DG  A C5    1 
ATOM   206 C C6    . DG  A 1 10 ? 2.702   0.672   1.516   1.00 15.43 ? 10 DG  A C6    1 
ATOM   207 O O6    . DG  A 1 10 ? 1.520   0.784   1.151   1.00 20.99 ? 10 DG  A O6    1 
ATOM   208 N N1    . DG  A 1 10 ? 3.283   -0.573  1.295   1.00 7.61  ? 10 DG  A N1    1 
ATOM   209 C C2    . DG  A 1 10 ? 4.588   -0.782  1.641   1.00 14.06 ? 10 DG  A C2    1 
ATOM   210 N N2    . DG  A 1 10 ? 5.076   -1.995  1.420   1.00 14.53 ? 10 DG  A N2    1 
ATOM   211 N N3    . DG  A 1 10 ? 5.397   0.128   2.215   1.00 16.10 ? 10 DG  A N3    1 
ATOM   212 C C4    . DG  A 1 10 ? 4.800   1.317   2.443   1.00 15.88 ? 10 DG  A C4    1 
ATOM   213 P P     . DG  A 1 11 ? 10.648  3.596   2.525   1.00 30.57 ? 11 DG  A P     1 
ATOM   214 O OP1   . DG  A 1 11 ? 11.988  3.403   3.012   1.00 31.05 ? 11 DG  A OP1   1 
ATOM   215 O OP2   . DG  A 1 11 ? 10.167  4.836   1.953   1.00 34.19 ? 11 DG  A OP2   1 
ATOM   216 O "O5'" . DG  A 1 11 ? 10.409  2.548   1.361   1.00 30.22 ? 11 DG  A "O5'" 1 
ATOM   217 C "C5'" . DG  A 1 11 ? 10.794  1.229   1.540   1.00 23.88 ? 11 DG  A "C5'" 1 
ATOM   218 C "C4'" . DG  A 1 11 ? 10.659  0.483   0.249   1.00 24.15 ? 11 DG  A "C4'" 1 
ATOM   219 O "O4'" . DG  A 1 11 ? 9.310   0.063   0.309   1.00 27.77 ? 11 DG  A "O4'" 1 
ATOM   220 C "C3'" . DG  A 1 11 ? 10.595  1.320   -0.999  1.00 25.12 ? 11 DG  A "C3'" 1 
ATOM   221 O "O3'" . DG  A 1 11 ? 11.879  1.360   -1.548  1.00 29.04 ? 11 DG  A "O3'" 1 
ATOM   222 C "C2'" . DG  A 1 11 ? 9.795   0.426   -1.892  1.00 24.08 ? 11 DG  A "C2'" 1 
ATOM   223 C "C1'" . DG  A 1 11 ? 8.793   -0.174  -0.961  1.00 24.05 ? 11 DG  A "C1'" 1 
ATOM   224 N N9    . DG  A 1 11 ? 7.522   0.474   -0.987  1.00 17.70 ? 11 DG  A N9    1 
ATOM   225 C C8    . DG  A 1 11 ? 7.221   1.719   -0.555  1.00 18.47 ? 11 DG  A C8    1 
ATOM   226 N N7    . DG  A 1 11 ? 5.956   2.049   -0.727  1.00 15.94 ? 11 DG  A N7    1 
ATOM   227 C C5    . DG  A 1 11 ? 5.401   0.927   -1.315  1.00 15.34 ? 11 DG  A C5    1 
ATOM   228 C C6    . DG  A 1 11 ? 4.091   0.645   -1.727  1.00 17.95 ? 11 DG  A C6    1 
ATOM   229 O O6    . DG  A 1 11 ? 3.095   1.376   -1.642  1.00 24.72 ? 11 DG  A O6    1 
ATOM   230 N N1    . DG  A 1 11 ? 3.939   -0.611  -2.288  1.00 13.65 ? 11 DG  A N1    1 
ATOM   231 C C2    . DG  A 1 11 ? 4.947   -1.504  -2.413  1.00 15.08 ? 11 DG  A C2    1 
ATOM   232 N N2    . DG  A 1 11 ? 4.686   -2.704  -2.958  1.00 15.57 ? 11 DG  A N2    1 
ATOM   233 N N3    . DG  A 1 11 ? 6.163   -1.249  -1.980  1.00 16.01 ? 11 DG  A N3    1 
ATOM   234 C C4    . DG  A 1 11 ? 6.342   -0.040  -1.471  1.00 16.52 ? 11 DG  A C4    1 
ATOM   235 P P     . DT  A 1 12 ? 12.459  2.502   -2.459  1.00 25.63 ? 12 DT  A P     1 
ATOM   236 O OP1   . DT  A 1 12 ? 13.843  2.061   -2.512  1.00 26.91 ? 12 DT  A OP1   1 
ATOM   237 O OP2   . DT  A 1 12 ? 12.077  3.848   -2.054  1.00 29.27 ? 12 DT  A OP2   1 
ATOM   238 O "O5'" . DT  A 1 12 ? 11.686  2.258   -3.828  1.00 30.76 ? 12 DT  A "O5'" 1 
ATOM   239 C "C5'" . DT  A 1 12 ? 11.864  0.952   -4.365  1.00 26.49 ? 12 DT  A "C5'" 1 
ATOM   240 C "C4'" . DT  A 1 12 ? 11.913  0.991   -5.858  1.00 22.43 ? 12 DT  A "C4'" 1 
ATOM   241 O "O4'" . DT  A 1 12 ? 10.607  1.421   -6.229  1.00 21.60 ? 12 DT  A "O4'" 1 
ATOM   242 C "C3'" . DT  A 1 12 ? 12.821  2.035   -6.418  1.00 20.35 ? 12 DT  A "C3'" 1 
ATOM   243 O "O3'" . DT  A 1 12 ? 13.698  1.444   -7.271  1.00 18.10 ? 12 DT  A "O3'" 1 
ATOM   244 C "C2'" . DT  A 1 12 ? 11.853  2.891   -7.209  1.00 19.58 ? 12 DT  A "C2'" 1 
ATOM   245 C "C1'" . DT  A 1 12 ? 10.627  2.036   -7.477  1.00 16.01 ? 12 DT  A "C1'" 1 
ATOM   246 N N1    . DT  A 1 12 ? 9.213   2.666   -7.537  1.00 14.02 ? 12 DT  A N1    1 
ATOM   247 C C2    . DT  A 1 12 ? 8.136   2.028   -8.145  1.00 14.72 ? 12 DT  A C2    1 
ATOM   248 O O2    . DT  A 1 12 ? 8.207   1.011   -8.708  1.00 16.85 ? 12 DT  A O2    1 
ATOM   249 N N3    . DT  A 1 12 ? 6.896   2.627   -8.149  1.00 15.63 ? 12 DT  A N3    1 
ATOM   250 C C4    . DT  A 1 12 ? 6.677   3.851   -7.557  1.00 15.30 ? 12 DT  A C4    1 
ATOM   251 O O4    . DT  A 1 12 ? 5.633   4.385   -7.542  1.00 17.10 ? 12 DT  A O4    1 
ATOM   252 C C5    . DT  A 1 12 ? 7.762   4.494   -6.935  1.00 14.39 ? 12 DT  A C5    1 
ATOM   253 C C7    . DT  A 1 12 ? 7.494   5.798   -6.291  1.00 15.03 ? 12 DT  A C7    1 
ATOM   254 C C6    . DT  A 1 12 ? 8.973   3.899   -6.960  1.00 16.39 ? 12 DT  A C6    1 
ATOM   255 O "O5'" . DT  B 1 1  ? 2.474   1.383   12.786  1.00 21.02 ? 13 DT  B "O5'" 1 
ATOM   256 C "C5'" . DT  B 1 1  ? 2.082   0.091   12.462  1.00 20.39 ? 13 DT  B "C5'" 1 
ATOM   257 C "C4'" . DT  B 1 1  ? 2.706   -0.409  11.202  1.00 18.57 ? 13 DT  B "C4'" 1 
ATOM   258 O "O4'" . DT  B 1 1  ? 1.670   -0.313  10.189  1.00 21.36 ? 13 DT  B "O4'" 1 
ATOM   259 C "C3'" . DT  B 1 1  ? 3.822   0.416   10.622  1.00 20.96 ? 13 DT  B "C3'" 1 
ATOM   260 O "O3'" . DT  B 1 1  ? 4.835   -0.347  9.997   1.00 19.05 ? 13 DT  B "O3'" 1 
ATOM   261 C "C2'" . DT  B 1 1  ? 3.138   1.207   9.533   1.00 20.40 ? 13 DT  B "C2'" 1 
ATOM   262 C "C1'" . DT  B 1 1  ? 2.024   0.335   9.021   1.00 17.14 ? 13 DT  B "C1'" 1 
ATOM   263 N N1    . DT  B 1 1  ? 0.782   1.096   8.566   1.00 20.67 ? 13 DT  B N1    1 
ATOM   264 C C2    . DT  B 1 1  ? -0.177  0.491   7.821   1.00 18.70 ? 13 DT  B C2    1 
ATOM   265 O O2    . DT  B 1 1  ? -0.159  -0.636  7.514   1.00 17.79 ? 13 DT  B O2    1 
ATOM   266 N N3    . DT  B 1 1  ? -1.245  1.258   7.513   1.00 19.32 ? 13 DT  B N3    1 
ATOM   267 C C4    . DT  B 1 1  ? -1.476  2.566   7.785   1.00 19.08 ? 13 DT  B C4    1 
ATOM   268 O O4    . DT  B 1 1  ? -2.485  3.135   7.402   1.00 21.53 ? 13 DT  B O4    1 
ATOM   269 C C5    . DT  B 1 1  ? -0.461  3.199   8.543   1.00 20.65 ? 13 DT  B C5    1 
ATOM   270 C C7    . DT  B 1 1  ? -0.589  4.646   8.964   1.00 16.93 ? 13 DT  B C7    1 
ATOM   271 C C6    . DT  B 1 1  ? 0.582   2.436   8.897   1.00 21.62 ? 13 DT  B C6    1 
ATOM   272 P P     . DA  B 1 2  ? 6.319   0.022   10.377  1.00 18.86 ? 14 DA  B P     1 
ATOM   273 O OP1   . DA  B 1 2  ? 6.446   0.496   11.725  1.00 13.63 ? 14 DA  B OP1   1 
ATOM   274 O OP2   . DA  B 1 2  ? 6.715   0.865   9.264   1.00 21.67 ? 14 DA  B OP2   1 
ATOM   275 O "O5'" . DA  B 1 2  ? 7.018   -1.404  10.258  1.00 20.91 ? 14 DA  B "O5'" 1 
ATOM   276 C "C5'" . DA  B 1 2  ? 7.791   -1.678  9.148   1.00 17.09 ? 14 DA  B "C5'" 1 
ATOM   277 C "C4'" . DA  B 1 2  ? 7.841   -3.162  8.920   1.00 16.11 ? 14 DA  B "C4'" 1 
ATOM   278 O "O4'" . DA  B 1 2  ? 6.540   -3.663  9.145   1.00 17.26 ? 14 DA  B "O4'" 1 
ATOM   279 C "C3'" . DA  B 1 2  ? 8.186   -3.610  7.514   1.00 17.71 ? 14 DA  B "C3'" 1 
ATOM   280 O "O3'" . DA  B 1 2  ? 8.963   -4.782  7.648   1.00 18.80 ? 14 DA  B "O3'" 1 
ATOM   281 C "C2'" . DA  B 1 2  ? 6.806   -3.846  6.937   1.00 16.68 ? 14 DA  B "C2'" 1 
ATOM   282 C "C1'" . DA  B 1 2  ? 6.029   -4.452  8.105   1.00 13.64 ? 14 DA  B "C1'" 1 
ATOM   283 N N9    . DA  B 1 2  ? 4.596   -4.135  7.938   1.00 11.65 ? 14 DA  B N9    1 
ATOM   284 C C8    . DA  B 1 2  ? 3.999   -2.983  8.330   1.00 8.41  ? 14 DA  B C8    1 
ATOM   285 N N7    . DA  B 1 2  ? 2.748   -2.891  8.015   1.00 10.29 ? 14 DA  B N7    1 
ATOM   286 C C5    . DA  B 1 2  ? 2.500   -4.075  7.363   1.00 9.24  ? 14 DA  B C5    1 
ATOM   287 C C6    . DA  B 1 2  ? 1.345   -4.564  6.812   1.00 10.55 ? 14 DA  B C6    1 
ATOM   288 N N6    . DA  B 1 2  ? 0.203   -3.877  6.850   1.00 13.24 ? 14 DA  B N6    1 
ATOM   289 N N1    . DA  B 1 2  ? 1.355   -5.778  6.237   1.00 15.11 ? 14 DA  B N1    1 
ATOM   290 C C2    . DA  B 1 2  ? 2.511   -6.452  6.241   1.00 15.26 ? 14 DA  B C2    1 
ATOM   291 N N3    . DA  B 1 2  ? 3.678   -6.074  6.734   1.00 14.47 ? 14 DA  B N3    1 
ATOM   292 C C4    . DA  B 1 2  ? 3.596   -4.863  7.314   1.00 10.62 ? 14 DA  B C4    1 
ATOM   293 P P     . DG  B 1 3  ? 9.876   -5.326  6.478   1.00 20.63 ? 15 DG  B P     1 
ATOM   294 O OP1   . DG  B 1 3  ? 10.873  -6.108  7.170   1.00 20.54 ? 15 DG  B OP1   1 
ATOM   295 O OP2   . DG  B 1 3  ? 10.269  -4.248  5.546   1.00 22.98 ? 15 DG  B OP2   1 
ATOM   296 O "O5'" . DG  B 1 3  ? 8.926   -6.228  5.628   1.00 22.07 ? 15 DG  B "O5'" 1 
ATOM   297 C "C5'" . DG  B 1 3  ? 8.802   -5.751  4.290   1.00 26.90 ? 15 DG  B "C5'" 1 
ATOM   298 C "C4'" . DG  B 1 3  ? 7.801   -6.619  3.598   1.00 26.46 ? 15 DG  B "C4'" 1 
ATOM   299 O "O4'" . DG  B 1 3  ? 6.520   -6.274  4.154   1.00 29.73 ? 15 DG  B "O4'" 1 
ATOM   300 C "C3'" . DG  B 1 3  ? 7.685   -6.339  2.140   1.00 26.58 ? 15 DG  B "C3'" 1 
ATOM   301 O "O3'" . DG  B 1 3  ? 8.340   -7.385  1.487   1.00 27.13 ? 15 DG  B "O3'" 1 
ATOM   302 C "C2'" . DG  B 1 3  ? 6.211   -6.547  1.843   1.00 26.96 ? 15 DG  B "C2'" 1 
ATOM   303 C "C1'" . DG  B 1 3  ? 5.522   -6.403  3.166   1.00 24.90 ? 15 DG  B "C1'" 1 
ATOM   304 N N9    . DG  B 1 3  ? 4.669   -5.244  3.333   1.00 21.06 ? 15 DG  B N9    1 
ATOM   305 C C8    . DG  B 1 3  ? 5.029   -4.095  3.914   1.00 18.02 ? 15 DG  B C8    1 
ATOM   306 N N7    . DG  B 1 3  ? 4.080   -3.231  3.968   1.00 15.25 ? 15 DG  B N7    1 
ATOM   307 C C5    . DG  B 1 3  ? 2.970   -3.868  3.457   1.00 18.39 ? 15 DG  B C5    1 
ATOM   308 C C6    . DG  B 1 3  ? 1.625   -3.450  3.301   1.00 17.09 ? 15 DG  B C6    1 
ATOM   309 O O6    . DG  B 1 3  ? 1.105   -2.369  3.613   1.00 22.79 ? 15 DG  B O6    1 
ATOM   310 N N1    . DG  B 1 3  ? 0.845   -4.395  2.690   1.00 12.06 ? 15 DG  B N1    1 
ATOM   311 C C2    . DG  B 1 3  ? 1.258   -5.641  2.330   1.00 16.57 ? 15 DG  B C2    1 
ATOM   312 N N2    . DG  B 1 3  ? 0.393   -6.496  1.780   1.00 16.93 ? 15 DG  B N2    1 
ATOM   313 N N3    . DG  B 1 3  ? 2.495   -6.058  2.491   1.00 19.62 ? 15 DG  B N3    1 
ATOM   314 C C4    . DG  B 1 3  ? 3.322   -5.120  3.047   1.00 19.84 ? 15 DG  B C4    1 
ATOM   315 P P     . DG  B 1 4  ? 8.432   -7.296  -0.097  1.00 29.45 ? 16 DG  B P     1 
ATOM   316 O OP1   . DG  B 1 4  ? 9.345   -8.342  -0.488  1.00 26.33 ? 16 DG  B OP1   1 
ATOM   317 O OP2   . DG  B 1 4  ? 8.569   -5.938  -0.603  1.00 30.73 ? 16 DG  B OP2   1 
ATOM   318 O "O5'" . DG  B 1 4  ? 6.956   -7.698  -0.560  1.00 30.57 ? 16 DG  B "O5'" 1 
ATOM   319 C "C5'" . DG  B 1 4  ? 6.476   -9.027  -0.530  1.00 25.20 ? 16 DG  B "C5'" 1 
ATOM   320 C "C4'" . DG  B 1 4  ? 5.281   -9.131  -1.450  1.00 20.61 ? 16 DG  B "C4'" 1 
ATOM   321 O "O4'" . DG  B 1 4  ? 4.261   -8.263  -0.913  1.00 21.33 ? 16 DG  B "O4'" 1 
ATOM   322 C "C3'" . DG  B 1 4  ? 5.488   -8.691  -2.885  1.00 19.78 ? 16 DG  B "C3'" 1 
ATOM   323 O "O3'" . DG  B 1 4  ? 4.908   -9.617  -3.663  1.00 18.71 ? 16 DG  B "O3'" 1 
ATOM   324 C "C2'" . DG  B 1 4  ? 4.706   -7.418  -3.040  1.00 19.72 ? 16 DG  B "C2'" 1 
ATOM   325 C "C1'" . DG  B 1 4  ? 3.667   -7.495  -1.930  1.00 16.00 ? 16 DG  B "C1'" 1 
ATOM   326 N N9    . DG  B 1 4  ? 3.368   -6.178  -1.393  1.00 12.02 ? 16 DG  B N9    1 
ATOM   327 C C8    . DG  B 1 4  ? 4.246   -5.303  -0.774  1.00 12.32 ? 16 DG  B C8    1 
ATOM   328 N N7    . DG  B 1 4  ? 3.748   -4.168  -0.400  1.00 10.15 ? 16 DG  B N7    1 
ATOM   329 C C5    . DG  B 1 4  ? 2.403   -4.342  -0.761  1.00 13.60 ? 16 DG  B C5    1 
ATOM   330 C C6    . DG  B 1 4  ? 1.323   -3.453  -0.625  1.00 14.94 ? 16 DG  B C6    1 
ATOM   331 O O6    . DG  B 1 4  ? 1.344   -2.315  -0.116  1.00 19.99 ? 16 DG  B O6    1 
ATOM   332 N N1    . DG  B 1 4  ? 0.145   -3.940  -1.204  1.00 12.55 ? 16 DG  B N1    1 
ATOM   333 C C2    . DG  B 1 4  ? -0.001  -5.174  -1.798  1.00 13.72 ? 16 DG  B C2    1 
ATOM   334 N N2    . DG  B 1 4  ? -1.248  -5.491  -2.244  1.00 11.56 ? 16 DG  B N2    1 
ATOM   335 N N3    . DG  B 1 4  ? 1.006   -6.033  -1.887  1.00 10.59 ? 16 DG  B N3    1 
ATOM   336 C C4    . DG  B 1 4  ? 2.153   -5.554  -1.370  1.00 11.31 ? 16 DG  B C4    1 
ATOM   337 P P     . DG  B 1 5  ? 5.028   -9.632  -5.231  1.00 20.57 ? 17 DG  B P     1 
ATOM   338 O OP1   . DG  B 1 5  ? 5.018   -10.996 -5.749  1.00 19.21 ? 17 DG  B OP1   1 
ATOM   339 O OP2   . DG  B 1 5  ? 6.166   -8.793  -5.479  1.00 17.45 ? 17 DG  B OP2   1 
ATOM   340 O "O5'" . DG  B 1 5  ? 3.635   -9.044  -5.773  1.00 18.04 ? 17 DG  B "O5'" 1 
ATOM   341 C "C5'" . DG  B 1 5  ? 2.431   -9.594  -5.354  1.00 16.65 ? 17 DG  B "C5'" 1 
ATOM   342 C "C4'" . DG  B 1 5  ? 1.279   -9.080  -6.178  1.00 17.35 ? 17 DG  B "C4'" 1 
ATOM   343 O "O4'" . DG  B 1 5  ? 0.794   -7.862  -5.628  1.00 16.82 ? 17 DG  B "O4'" 1 
ATOM   344 C "C3'" . DG  B 1 5  ? 1.646   -8.705  -7.595  1.00 19.47 ? 17 DG  B "C3'" 1 
ATOM   345 O "O3'" . DG  B 1 5  ? 0.522   -8.944  -8.424  1.00 20.02 ? 17 DG  B "O3'" 1 
ATOM   346 C "C2'" . DG  B 1 5  ? 2.070   -7.241  -7.470  1.00 18.20 ? 17 DG  B "C2'" 1 
ATOM   347 C "C1'" . DG  B 1 5  ? 0.977   -6.778  -6.522  1.00 18.57 ? 17 DG  B "C1'" 1 
ATOM   348 N N9    . DG  B 1 5  ? 1.311   -5.596  -5.725  1.00 18.56 ? 17 DG  B N9    1 
ATOM   349 C C8    . DG  B 1 5  ? 2.518   -5.369  -5.102  1.00 18.00 ? 17 DG  B C8    1 
ATOM   350 N N7    . DG  B 1 5  ? 2.567   -4.281  -4.429  1.00 15.86 ? 17 DG  B N7    1 
ATOM   351 C C5    . DG  B 1 5  ? 1.293   -3.746  -4.559  1.00 14.94 ? 17 DG  B C5    1 
ATOM   352 C C6    . DG  B 1 5  ? 0.768   -2.539  -4.065  1.00 12.85 ? 17 DG  B C6    1 
ATOM   353 O O6    . DG  B 1 5  ? 1.287   -1.708  -3.331  1.00 13.28 ? 17 DG  B O6    1 
ATOM   354 N N1    . DG  B 1 5  ? -0.554  -2.343  -4.439  1.00 14.48 ? 17 DG  B N1    1 
ATOM   355 C C2    . DG  B 1 5  ? -1.273  -3.177  -5.228  1.00 15.30 ? 17 DG  B C2    1 
ATOM   356 N N2    . DG  B 1 5  ? -2.514  -2.769  -5.414  1.00 18.03 ? 17 DG  B N2    1 
ATOM   357 N N3    . DG  B 1 5  ? -0.815  -4.322  -5.729  1.00 17.30 ? 17 DG  B N3    1 
ATOM   358 C C4    . DG  B 1 5  ? 0.490   -4.541  -5.357  1.00 17.75 ? 17 DG  B C4    1 
ATOM   359 P P     . DT  B 1 6  ? 0.641   -9.936  -9.661  1.00 17.81 ? 18 DT  B P     1 
ATOM   360 O OP1   . DT  B 1 6  ? 1.891   -9.694  -10.383 1.00 22.68 ? 18 DT  B OP1   1 
ATOM   361 O OP2   . DT  B 1 6  ? -0.591  -9.879  -10.396 1.00 20.43 ? 18 DT  B OP2   1 
ATOM   362 O "O5'" . DT  B 1 6  ? 0.734   -11.319 -8.997  1.00 19.47 ? 18 DT  B "O5'" 1 
ATOM   363 C "C5'" . DT  B 1 6  ? -0.374  -12.030 -8.603  1.00 23.75 ? 18 DT  B "C5'" 1 
ATOM   364 C "C4'" . DT  B 1 6  ? 0.010   -13.503 -8.605  1.00 24.70 ? 18 DT  B "C4'" 1 
ATOM   365 O "O4'" . DT  B 1 6  ? -0.177  -14.026 -9.935  1.00 21.54 ? 18 DT  B "O4'" 1 
ATOM   366 C "C3'" . DT  B 1 6  ? 1.434   -13.862 -8.236  1.00 23.81 ? 18 DT  B "C3'" 1 
ATOM   367 O "O3'" . DT  B 1 6  ? 1.349   -15.120 -7.611  1.00 29.90 ? 18 DT  B "O3'" 1 
ATOM   368 C "C2'" . DT  B 1 6  ? 2.044   -14.031 -9.608  1.00 20.37 ? 18 DT  B "C2'" 1 
ATOM   369 C "C1'" . DT  B 1 6  ? 0.950   -14.682 -10.380 1.00 19.00 ? 18 DT  B "C1'" 1 
ATOM   370 N N1    . DT  B 1 6  ? 1.019   -14.291 -11.767 1.00 25.37 ? 18 DT  B N1    1 
ATOM   371 C C2    . DT  B 1 6  ? 1.184   -15.249 -12.708 1.00 24.94 ? 18 DT  B C2    1 
ATOM   372 O O2    . DT  B 1 6  ? 1.249   -16.390 -12.405 1.00 29.79 ? 18 DT  B O2    1 
ATOM   373 N N3    . DT  B 1 6  ? 1.278   -14.834 -13.980 1.00 25.35 ? 18 DT  B N3    1 
ATOM   374 C C4    . DT  B 1 6  ? 1.195   -13.539 -14.408 1.00 29.03 ? 18 DT  B C4    1 
ATOM   375 O O4    . DT  B 1 6  ? 1.262   -13.262 -15.594 1.00 38.58 ? 18 DT  B O4    1 
ATOM   376 C C5    . DT  B 1 6  ? 1.034   -12.538 -13.407 1.00 24.80 ? 18 DT  B C5    1 
ATOM   377 C C7    . DT  B 1 6  ? 0.968   -11.096 -13.774 1.00 24.60 ? 18 DT  B C7    1 
ATOM   378 C C6    . DT  B 1 6  ? 0.934   -12.959 -12.156 1.00 25.42 ? 18 DT  B C6    1 
ATOM   379 P P     . DT  B 1 7  ? 1.889   -15.425 -6.137  1.00 35.32 ? 19 DT  B P     1 
ATOM   380 O OP1   . DT  B 1 7  ? 1.962   -14.173 -5.342  1.00 32.92 ? 19 DT  B OP1   1 
ATOM   381 O OP2   . DT  B 1 7  ? 3.050   -16.315 -6.339  1.00 31.16 ? 19 DT  B OP2   1 
ATOM   382 O "O5'" . DT  B 1 7  ? 0.713   -16.325 -5.562  1.00 31.44 ? 19 DT  B "O5'" 1 
ATOM   383 C "C5'" . DT  B 1 7  ? -0.476  -15.765 -5.192  1.00 32.02 ? 19 DT  B "C5'" 1 
ATOM   384 C "C4'" . DT  B 1 7  ? -1.477  -16.868 -4.945  1.00 31.77 ? 19 DT  B "C4'" 1 
ATOM   385 O "O4'" . DT  B 1 7  ? -1.870  -17.441 -6.215  1.00 32.74 ? 19 DT  B "O4'" 1 
ATOM   386 C "C3'" . DT  B 1 7  ? -1.085  -18.014 -4.056  1.00 32.13 ? 19 DT  B "C3'" 1 
ATOM   387 O "O3'" . DT  B 1 7  ? -2.196  -18.430 -3.323  1.00 31.36 ? 19 DT  B "O3'" 1 
ATOM   388 C "C2'" . DT  B 1 7  ? -0.775  -19.115 -5.065  1.00 33.45 ? 19 DT  B "C2'" 1 
ATOM   389 C "C1'" . DT  B 1 7  ? -1.639  -18.810 -6.278  1.00 33.32 ? 19 DT  B "C1'" 1 
ATOM   390 N N1    . DT  B 1 7  ? -1.016  -19.158 -7.640  1.00 34.42 ? 19 DT  B N1    1 
ATOM   391 C C2    . DT  B 1 7  ? -1.671  -20.086 -8.376  1.00 35.14 ? 19 DT  B C2    1 
ATOM   392 O O2    . DT  B 1 7  ? -2.669  -20.595 -7.985  1.00 38.46 ? 19 DT  B O2    1 
ATOM   393 N N3    . DT  B 1 7  ? -1.124  -20.415 -9.576  1.00 37.99 ? 19 DT  B N3    1 
ATOM   394 C C4    . DT  B 1 7  ? 0.031   -19.893 -10.116 1.00 36.34 ? 19 DT  B C4    1 
ATOM   395 O O4    . DT  B 1 7  ? 0.475   -20.205 -11.213 1.00 39.23 ? 19 DT  B O4    1 
ATOM   396 C C5    . DT  B 1 7  ? 0.684   -18.918 -9.335  1.00 32.04 ? 19 DT  B C5    1 
ATOM   397 C C7    . DT  B 1 7  ? 1.930   -18.374 -9.931  1.00 29.96 ? 19 DT  B C7    1 
ATOM   398 C C6    . DT  B 1 7  ? 0.148   -18.585 -8.149  1.00 32.76 ? 19 DT  B C6    1 
ATOM   399 P P     . DA  B 1 8  ? -2.402  -17.857 -1.867  1.00 34.21 ? 20 DA  B P     1 
ATOM   400 O OP1   . DA  B 1 8  ? -1.195  -18.180 -1.060  1.00 25.83 ? 20 DA  B OP1   1 
ATOM   401 O OP2   . DA  B 1 8  ? -3.773  -18.141 -1.425  1.00 28.49 ? 20 DA  B OP2   1 
ATOM   402 O "O5'" . DA  B 1 8  ? -2.437  -16.303 -2.243  1.00 34.76 ? 20 DA  B "O5'" 1 
ATOM   403 C "C5'" . DA  B 1 8  ? -3.161  -15.403 -1.471  1.00 31.04 ? 20 DA  B "C5'" 1 
ATOM   404 C "C4'" . DA  B 1 8  ? -3.117  -14.021 -2.084  1.00 31.95 ? 20 DA  B "C4'" 1 
ATOM   405 O "O4'" . DA  B 1 8  ? -2.819  -13.966 -3.493  1.00 29.00 ? 20 DA  B "O4'" 1 
ATOM   406 C "C3'" . DA  B 1 8  ? -4.478  -13.359 -1.975  1.00 34.23 ? 20 DA  B "C3'" 1 
ATOM   407 O "O3'" . DA  B 1 8  ? -4.253  -11.966 -1.738  1.00 39.48 ? 20 DA  B "O3'" 1 
ATOM   408 C "C2'" . DA  B 1 8  ? -5.150  -13.617 -3.325  1.00 30.80 ? 20 DA  B "C2'" 1 
ATOM   409 C "C1'" . DA  B 1 8  ? -3.953  -13.536 -4.258  1.00 32.58 ? 20 DA  B "C1'" 1 
ATOM   410 N N9    . DA  B 1 8  ? -3.947  -14.394 -5.459  1.00 30.46 ? 20 DA  B N9    1 
ATOM   411 C C8    . DA  B 1 8  ? -3.299  -14.177 -6.645  1.00 29.60 ? 20 DA  B C8    1 
ATOM   412 N N7    . DA  B 1 8  ? -3.412  -15.147 -7.520  1.00 30.14 ? 20 DA  B N7    1 
ATOM   413 C C5    . DA  B 1 8  ? -4.216  -16.017 -6.820  1.00 30.32 ? 20 DA  B C5    1 
ATOM   414 C C6    . DA  B 1 8  ? -4.704  -17.256 -7.184  1.00 34.66 ? 20 DA  B C6    1 
ATOM   415 N N6    . DA  B 1 8  ? -4.381  -17.710 -8.409  1.00 35.86 ? 20 DA  B N6    1 
ATOM   416 N N1    . DA  B 1 8  ? -5.487  -17.950 -6.290  1.00 34.84 ? 20 DA  B N1    1 
ATOM   417 C C2    . DA  B 1 8  ? -5.741  -17.378 -5.095  1.00 32.37 ? 20 DA  B C2    1 
ATOM   418 N N3    . DA  B 1 8  ? -5.330  -16.190 -4.650  1.00 29.16 ? 20 DA  B N3    1 
ATOM   419 C C4    . DA  B 1 8  ? -4.576  -15.586 -5.577  1.00 29.02 ? 20 DA  B C4    1 
ATOM   420 P P     . DG  B 1 9  ? -3.292  -11.317 -0.608  1.00 37.82 ? 21 DG  B P     1 
ATOM   421 O OP1   . DG  B 1 9  ? -2.143  -10.584 -1.320  1.00 32.01 ? 21 DG  B OP1   1 
ATOM   422 O OP2   . DG  B 1 9  ? -3.253  -12.282 0.490   1.00 31.46 ? 21 DG  B OP2   1 
ATOM   423 O "O5'" . DG  B 1 9  ? -4.283  -10.199 -0.028  1.00 35.47 ? 21 DG  B "O5'" 1 
ATOM   424 C "C5'" . DG  B 1 9  ? -5.659  -10.450 0.213   1.00 29.19 ? 21 DG  B "C5'" 1 
ATOM   425 C "C4'" . DG  B 1 9  ? -6.503  -9.353  -0.394  1.00 22.03 ? 21 DG  B "C4'" 1 
ATOM   426 O "O4'" . DG  B 1 9  ? -6.076  -8.112  0.190   1.00 20.37 ? 21 DG  B "O4'" 1 
ATOM   427 C "C3'" . DG  B 1 9  ? -6.349  -9.143  -1.877  1.00 21.28 ? 21 DG  B "C3'" 1 
ATOM   428 O "O3'" . DG  B 1 9  ? -7.619  -8.841  -2.456  1.00 19.95 ? 21 DG  B "O3'" 1 
ATOM   429 C "C2'" . DG  B 1 9  ? -5.346  -8.003  -1.966  1.00 17.24 ? 21 DG  B "C2'" 1 
ATOM   430 C "C1'" . DG  B 1 9  ? -5.648  -7.194  -0.744  1.00 14.84 ? 21 DG  B "C1'" 1 
ATOM   431 N N9    . DG  B 1 9  ? -4.488  -6.531  -0.161  1.00 14.58 ? 21 DG  B N9    1 
ATOM   432 C C8    . DG  B 1 9  ? -3.222  -6.998  0.018   1.00 12.48 ? 21 DG  B C8    1 
ATOM   433 N N7    . DG  B 1 9  ? -2.399  -6.177  0.550   1.00 10.05 ? 21 DG  B N7    1 
ATOM   434 C C5    . DG  B 1 9  ? -3.177  -5.099  0.804   1.00 12.99 ? 21 DG  B C5    1 
ATOM   435 C C6    . DG  B 1 9  ? -2.863  -3.870  1.381   1.00 11.75 ? 21 DG  B C6    1 
ATOM   436 O O6    . DG  B 1 9  ? -1.798  -3.526  1.826   1.00 15.72 ? 21 DG  B O6    1 
ATOM   437 N N1    . DG  B 1 9  ? -3.919  -2.982  1.456   1.00 11.96 ? 21 DG  B N1    1 
ATOM   438 C C2    . DG  B 1 9  ? -5.189  -3.225  1.014   1.00 16.34 ? 21 DG  B C2    1 
ATOM   439 N N2    . DG  B 1 9  ? -6.108  -2.257  1.182   1.00 13.90 ? 21 DG  B N2    1 
ATOM   440 N N3    . DG  B 1 9  ? -5.504  -4.399  0.427   1.00 18.31 ? 21 DG  B N3    1 
ATOM   441 C C4    . DG  B 1 9  ? -4.461  -5.283  0.360   1.00 15.64 ? 21 DG  B C4    1 
ATOM   442 P P     . DG  B 1 10 ? -7.769  -8.252  -3.898  1.00 20.61 ? 22 DG  B P     1 
ATOM   443 O OP1   . DG  B 1 10 ? -9.067  -8.739  -4.400  1.00 27.71 ? 22 DG  B OP1   1 
ATOM   444 O OP2   . DG  B 1 10 ? -6.573  -8.501  -4.666  1.00 18.95 ? 22 DG  B OP2   1 
ATOM   445 O "O5'" . DG  B 1 10 ? -7.926  -6.664  -3.874  1.00 22.80 ? 22 DG  B "O5'" 1 
ATOM   446 C "C5'" . DG  B 1 10 ? -8.624  -5.986  -2.886  1.00 22.23 ? 22 DG  B "C5'" 1 
ATOM   447 C "C4'" . DG  B 1 10 ? -8.815  -4.535  -3.235  1.00 21.17 ? 22 DG  B "C4'" 1 
ATOM   448 O "O4'" . DG  B 1 10 ? -7.864  -3.701  -2.541  1.00 21.13 ? 22 DG  B "O4'" 1 
ATOM   449 C "C3'" . DG  B 1 10 ? -8.655  -4.201  -4.712  1.00 23.98 ? 22 DG  B "C3'" 1 
ATOM   450 O "O3'" . DG  B 1 10 ? -9.633  -3.207  -5.012  1.00 20.86 ? 22 DG  B "O3'" 1 
ATOM   451 C "C2'" . DG  B 1 10 ? -7.199  -3.717  -4.840  1.00 20.77 ? 22 DG  B "C2'" 1 
ATOM   452 C "C1'" . DG  B 1 10 ? -7.063  -2.992  -3.483  1.00 21.92 ? 22 DG  B "C1'" 1 
ATOM   453 N N9    . DG  B 1 10 ? -5.714  -2.939  -2.958  1.00 19.20 ? 22 DG  B N9    1 
ATOM   454 C C8    . DG  B 1 10 ? -4.807  -3.947  -3.013  1.00 18.11 ? 22 DG  B C8    1 
ATOM   455 N N7    . DG  B 1 10 ? -3.689  -3.630  -2.451  1.00 19.71 ? 22 DG  B N7    1 
ATOM   456 C C5    . DG  B 1 10 ? -3.877  -2.368  -1.953  1.00 16.87 ? 22 DG  B C5    1 
ATOM   457 C C6    . DG  B 1 10 ? -3.024  -1.525  -1.233  1.00 14.84 ? 22 DG  B C6    1 
ATOM   458 O O6    . DG  B 1 10 ? -1.890  -1.680  -0.816  1.00 19.91 ? 22 DG  B O6    1 
ATOM   459 N N1    . DG  B 1 10 ? -3.626  -0.326  -0.941  1.00 17.79 ? 22 DG  B N1    1 
ATOM   460 C C2    . DG  B 1 10 ? -4.907  0.006   -1.293  1.00 14.98 ? 22 DG  B C2    1 
ATOM   461 N N2    . DG  B 1 10 ? -5.333  1.206   -0.950  1.00 14.64 ? 22 DG  B N2    1 
ATOM   462 N N3    . DG  B 1 10 ? -5.698  -0.773  -1.957  1.00 16.52 ? 22 DG  B N3    1 
ATOM   463 C C4    . DG  B 1 10 ? -5.125  -1.932  -2.267  1.00 16.95 ? 22 DG  B C4    1 
ATOM   464 P P     . DG  B 1 11 ? -9.739  -2.634  -6.455  1.00 23.31 ? 23 DG  B P     1 
ATOM   465 O OP1   . DG  B 1 11 ? -11.179 -2.479  -6.690  1.00 21.11 ? 23 DG  B OP1   1 
ATOM   466 O OP2   . DG  B 1 11 ? -8.811  -3.410  -7.298  1.00 21.44 ? 23 DG  B OP2   1 
ATOM   467 O "O5'" . DG  B 1 11 ? -9.169  -1.176  -6.381  1.00 21.53 ? 23 DG  B "O5'" 1 
ATOM   468 C "C5'" . DG  B 1 11 ? -9.897  -0.241  -5.708  1.00 22.05 ? 23 DG  B "C5'" 1 
ATOM   469 C "C4'" . DG  B 1 11 ? -9.251  1.108   -5.876  1.00 21.14 ? 23 DG  B "C4'" 1 
ATOM   470 O "O4'" . DG  B 1 11 ? -8.061  1.146   -5.074  1.00 21.22 ? 23 DG  B "O4'" 1 
ATOM   471 C "C3'" . DG  B 1 11 ? -8.858  1.414   -7.296  1.00 22.42 ? 23 DG  B "C3'" 1 
ATOM   472 O "O3'" . DG  B 1 11 ? -9.174  2.787   -7.546  1.00 23.35 ? 23 DG  B "O3'" 1 
ATOM   473 C "C2'" . DG  B 1 11 ? -7.375  1.112   -7.211  1.00 20.48 ? 23 DG  B "C2'" 1 
ATOM   474 C "C1'" . DG  B 1 11 ? -7.026  1.624   -5.818  1.00 20.86 ? 23 DG  B "C1'" 1 
ATOM   475 N N9    . DG  B 1 11 ? -5.770  1.055   -5.344  1.00 20.41 ? 23 DG  B N9    1 
ATOM   476 C C8    . DG  B 1 11 ? -5.318  -0.212  -5.597  1.00 19.13 ? 23 DG  B C8    1 
ATOM   477 N N7    . DG  B 1 11 ? -4.157  -0.460  -5.092  1.00 20.08 ? 23 DG  B N7    1 
ATOM   478 C C5    . DG  B 1 11 ? -3.807  0.742   -4.491  1.00 16.12 ? 23 DG  B C5    1 
ATOM   479 C C6    . DG  B 1 11 ? -2.660  1.059   -3.833  1.00 15.69 ? 23 DG  B C6    1 
ATOM   480 O O6    . DG  B 1 11 ? -1.706  0.317   -3.653  1.00 23.97 ? 23 DG  B O6    1 
ATOM   481 N N1    . DG  B 1 11 ? -2.605  2.327   -3.356  1.00 17.44 ? 23 DG  B N1    1 
ATOM   482 C C2    . DG  B 1 11 ? -3.588  3.235   -3.510  1.00 19.42 ? 23 DG  B C2    1 
ATOM   483 N N2    . DG  B 1 11 ? -3.355  4.402   -2.946  1.00 16.22 ? 23 DG  B N2    1 
ATOM   484 N N3    . DG  B 1 11 ? -4.724  2.979   -4.141  1.00 20.37 ? 23 DG  B N3    1 
ATOM   485 C C4    . DG  B 1 11 ? -4.756  1.690   -4.622  1.00 19.78 ? 23 DG  B C4    1 
ATOM   486 P P     . DT  B 1 12 ? -8.973  3.408   -8.969  1.00 23.43 ? 24 DT  B P     1 
ATOM   487 O OP1   . DT  B 1 12 ? -10.017 4.415   -9.130  1.00 24.73 ? 24 DT  B OP1   1 
ATOM   488 O OP2   . DT  B 1 12 ? -8.866  2.319   -9.962  1.00 21.22 ? 24 DT  B OP2   1 
ATOM   489 O "O5'" . DT  B 1 12 ? -7.561  4.080   -8.897  1.00 22.53 ? 24 DT  B "O5'" 1 
ATOM   490 C "C5'" . DT  B 1 12 ? -7.068  4.442   -7.663  1.00 26.06 ? 24 DT  B "C5'" 1 
ATOM   491 C "C4'" . DT  B 1 12 ? -5.718  5.101   -7.766  1.00 24.25 ? 24 DT  B "C4'" 1 
ATOM   492 O "O4'" . DT  B 1 12 ? -4.906  4.364   -6.852  1.00 23.37 ? 24 DT  B "O4'" 1 
ATOM   493 C "C3'" . DT  B 1 12 ? -4.929  4.964   -9.056  1.00 24.06 ? 24 DT  B "C3'" 1 
ATOM   494 O "O3'" . DT  B 1 12 ? -5.345  5.999   -9.792  1.00 28.14 ? 24 DT  B "O3'" 1 
ATOM   495 C "C2'" . DT  B 1 12 ? -3.530  5.305   -8.598  1.00 21.10 ? 24 DT  B "C2'" 1 
ATOM   496 C "C1'" . DT  B 1 12 ? -3.555  4.587   -7.239  1.00 21.96 ? 24 DT  B "C1'" 1 
ATOM   497 N N1    . DT  B 1 12 ? -2.916  3.252   -7.248  1.00 19.82 ? 24 DT  B N1    1 
ATOM   498 C C2    . DT  B 1 12 ? -1.747  3.121   -6.535  1.00 16.56 ? 24 DT  B C2    1 
ATOM   499 O O2    . DT  B 1 12 ? -1.244  4.069   -5.969  1.00 18.33 ? 24 DT  B O2    1 
ATOM   500 N N3    . DT  B 1 12 ? -1.207  1.874   -6.573  1.00 12.07 ? 24 DT  B N3    1 
ATOM   501 C C4    . DT  B 1 12 ? -1.746  0.803   -7.255  1.00 14.31 ? 24 DT  B C4    1 
ATOM   502 O O4    . DT  B 1 12 ? -1.250  -0.274  -7.243  1.00 16.57 ? 24 DT  B O4    1 
ATOM   503 C C5    . DT  B 1 12 ? -2.972  0.971   -7.949  1.00 13.63 ? 24 DT  B C5    1 
ATOM   504 C C7    . DT  B 1 12 ? -3.568  -0.225  -8.652  1.00 14.80 ? 24 DT  B C7    1 
ATOM   505 C C6    . DT  B 1 12 ? -3.515  2.194   -7.914  1.00 15.49 ? 24 DT  B C6    1 
HETATM 506 K K     . K   C 2 .  ? -0.737  -0.887  1.762   1.00 32.10 ? 25 K   A K     1 
HETATM 507 K K     . K   D 2 .  ? 0.171   0.207   -1.545  1.00 35.01 ? 26 K   A K     1 
HETATM 508 C C40   . BRA E 3 .  ? 4.401   9.208   -1.828  1.00 28.76 ? 27 BRA A C40   1 
HETATM 509 C C41   . BRA E 3 .  ? 5.161   10.503  -1.696  1.00 28.18 ? 27 BRA A C41   1 
HETATM 510 C C42   . BRA E 3 .  ? 6.501   10.033  -1.215  1.00 28.46 ? 27 BRA A C42   1 
HETATM 511 C C43   . BRA E 3 .  ? 6.610   8.625   -1.772  1.00 29.73 ? 27 BRA A C43   1 
HETATM 512 N N39   . BRA E 3 .  ? 5.356   8.378   -2.532  1.00 27.43 ? 27 BRA A N39   1 
HETATM 513 C C38   . BRA E 3 .  ? 4.934   6.979   -2.418  1.00 21.26 ? 27 BRA A C38   1 
HETATM 514 C C37   . BRA E 3 .  ? 6.109   6.113   -2.833  1.00 19.36 ? 27 BRA A C37   1 
HETATM 515 C C36   . BRA E 3 .  ? 5.525   4.923   -3.467  1.00 16.71 ? 27 BRA A C36   1 
HETATM 516 O O52   . BRA E 3 .  ? 4.345   4.968   -3.764  1.00 14.21 ? 27 BRA A O52   1 
HETATM 517 N N17   . BRA E 3 .  ? 6.369   3.887   -3.642  1.00 13.86 ? 27 BRA A N17   1 
HETATM 518 C C3    . BRA E 3 .  ? 6.190   2.708   -4.270  1.00 13.12 ? 27 BRA A C3    1 
HETATM 519 C C4    . BRA E 3 .  ? 4.932   2.251   -4.700  1.00 11.22 ? 27 BRA A C4    1 
HETATM 520 C C2    . BRA E 3 .  ? 7.316   1.964   -4.563  1.00 10.53 ? 27 BRA A C2    1 
HETATM 521 C C1    . BRA E 3 .  ? 7.199   0.751   -5.226  1.00 12.14 ? 27 BRA A C1    1 
HETATM 522 C C6    . BRA E 3 .  ? 5.962   0.267   -5.626  1.00 11.20 ? 27 BRA A C6    1 
HETATM 523 C C10   . BRA E 3 .  ? 5.862   -0.953  -6.314  1.00 12.46 ? 27 BRA A C10   1 
HETATM 524 N N19   . BRA E 3 .  ? 6.966   -1.707  -6.643  1.00 15.38 ? 27 BRA A N19   1 
HETATM 525 C C28   . BRA E 3 .  ? 8.234   -1.878  -6.215  1.00 11.20 ? 27 BRA A C28   1 
HETATM 526 C C29   . BRA E 3 .  ? 8.387   -2.046  -4.859  1.00 10.43 ? 27 BRA A C29   1 
HETATM 527 C C24   . BRA E 3 .  ? 9.614   -2.278  -4.301  1.00 13.06 ? 27 BRA A C24   1 
HETATM 528 C C25   . BRA E 3 .  ? 10.764  -2.366  -5.119  1.00 19.70 ? 27 BRA A C25   1 
HETATM 529 N N15   . BRA E 3 .  ? 11.951  -2.611  -4.463  1.00 20.60 ? 27 BRA A N15   1 
HETATM 530 C C16   . BRA E 3 .  ? 13.140  -2.866  -5.272  1.00 19.95 ? 27 BRA A C16   1 
HETATM 531 C C18   . BRA E 3 .  ? 12.047  -2.656  -2.992  1.00 19.03 ? 27 BRA A C18   1 
HETATM 532 C C26   . BRA E 3 .  ? 10.647  -2.212  -6.560  1.00 13.85 ? 27 BRA A C26   1 
HETATM 533 C C27   . BRA E 3 .  ? 9.352   -1.974  -7.088  1.00 12.48 ? 27 BRA A C27   1 
HETATM 534 C C5    . BRA E 3 .  ? 4.826   1.025   -5.341  1.00 9.81  ? 27 BRA A C5    1 
HETATM 535 N N7    . BRA E 3 .  ? 3.618   0.602   -5.733  1.00 11.34 ? 27 BRA A N7    1 
HETATM 536 C C8    . BRA E 3 .  ? 3.457   -0.551  -6.431  1.00 11.51 ? 27 BRA A C8    1 
HETATM 537 C C11   . BRA E 3 .  ? 2.154   -0.931  -6.798  1.00 12.07 ? 27 BRA A C11   1 
HETATM 538 C C9    . BRA E 3 .  ? 4.576   -1.341  -6.717  1.00 10.23 ? 27 BRA A C9    1 
HETATM 539 C C14   . BRA E 3 .  ? 4.375   -2.508  -7.381  1.00 10.73 ? 27 BRA A C14   1 
HETATM 540 C C13   . BRA E 3 .  ? 3.095   -2.877  -7.789  1.00 11.92 ? 27 BRA A C13   1 
HETATM 541 C C12   . BRA E 3 .  ? 1.956   -2.099  -7.499  1.00 13.12 ? 27 BRA A C12   1 
HETATM 542 N N21   . BRA E 3 .  ? 0.719   -2.441  -7.919  1.00 13.32 ? 27 BRA A N21   1 
HETATM 543 C C44   . BRA E 3 .  ? 0.213   -3.512  -8.622  1.00 14.52 ? 27 BRA A C44   1 
HETATM 544 O O53   . BRA E 3 .  ? 0.797   -4.537  -8.965  1.00 17.47 ? 27 BRA A O53   1 
HETATM 545 C C45   . BRA E 3 .  ? -1.235  -3.467  -8.938  1.00 14.82 ? 27 BRA A C45   1 
HETATM 546 C C46   . BRA E 3 .  ? -1.664  -4.869  -9.439  1.00 18.37 ? 27 BRA A C46   1 
HETATM 547 N N47   . BRA E 3 .  ? -3.146  -4.942  -9.576  1.00 20.66 ? 27 BRA A N47   1 
HETATM 548 C C48   . BRA E 3 .  ? -3.652  -6.328  -9.563  1.00 19.35 ? 27 BRA A C48   1 
HETATM 549 C C49   . BRA E 3 .  ? -4.562  -6.319  -10.757 1.00 19.94 ? 27 BRA A C49   1 
HETATM 550 C C50   . BRA E 3 .  ? -4.987  -4.871  -10.899 1.00 19.09 ? 27 BRA A C50   1 
HETATM 551 C C51   . BRA E 3 .  ? -3.665  -4.224  -10.758 1.00 15.49 ? 27 BRA A C51   1 
HETATM 552 O O     . HOH F 4 .  ? 15.119  0.154   -6.035  1.00 23.75 ? 28 HOH A O     1 
HETATM 553 O O     . HOH F 4 .  ? 4.463   16.433  -1.357  1.00 29.98 ? 29 HOH A O     1 
HETATM 554 O O     . HOH F 4 .  ? -2.901  14.349  -1.818  1.00 32.12 ? 30 HOH A O     1 
HETATM 555 O O     . HOH F 4 .  ? -13.360 2.513   6.460   1.00 28.89 ? 31 HOH A O     1 
HETATM 556 O O     . HOH F 4 .  ? -4.982  8.755   5.650   1.00 52.19 ? 32 HOH A O     1 
HETATM 557 O O     . HOH F 4 .  ? -4.030  5.890   6.304   1.00 62.33 ? 33 HOH A O     1 
HETATM 558 O O     . HOH F 4 .  ? 5.484   11.896  7.541   1.00 55.58 ? 34 HOH A O     1 
HETATM 559 O O     . HOH F 4 .  ? -2.628  17.517  -0.684  1.00 37.14 ? 35 HOH A O     1 
HETATM 560 O O     . HOH F 4 .  ? -0.845  7.491   2.880   1.00 29.74 ? 36 HOH A O     1 
HETATM 561 O O     . HOH F 4 .  ? 5.151   13.884  0.565   1.00 65.09 ? 37 HOH A O     1 
HETATM 562 O O     . HOH F 4 .  ? 5.318   10.002  9.550   1.00 33.42 ? 38 HOH A O     1 
HETATM 563 O O     . HOH F 4 .  ? -1.192  8.122   10.033  1.00 30.19 ? 39 HOH A O     1 
HETATM 564 O O     . HOH F 4 .  ? 9.582   5.411   10.518  1.00 33.51 ? 40 HOH A O     1 
HETATM 565 O O     . HOH F 4 .  ? 1.784   11.866  -5.063  1.00 28.30 ? 41 HOH A O     1 
HETATM 566 O O     . HOH F 4 .  ? 10.861  5.773   -0.074  1.00 39.26 ? 42 HOH A O     1 
HETATM 567 O O     . HOH F 4 .  ? -11.493 3.187   -1.767  1.00 37.58 ? 43 HOH A O     1 
HETATM 568 O O     . HOH F 4 .  ? 8.314   4.994   -0.157  1.00 29.30 ? 44 HOH A O     1 
HETATM 569 O O     . HOH F 4 .  ? -2.311  9.524   -3.672  1.00 22.58 ? 45 HOH A O     1 
HETATM 570 O O     . HOH F 4 .  ? -1.855  7.578   7.487   1.00 16.63 ? 46 HOH A O     1 
HETATM 571 O O     . HOH F 4 .  ? 4.691   10.471  5.509   1.00 19.58 ? 47 HOH A O     1 
HETATM 572 O O     . HOH F 4 .  ? 1.025   11.911  3.456   1.00 17.42 ? 48 HOH A O     1 
HETATM 573 O O     . HOH F 4 .  ? 2.131   9.630   5.032   1.00 18.42 ? 49 HOH A O     1 
HETATM 574 O O     . HOH F 4 .  ? 0.322   7.758   5.617   1.00 25.85 ? 50 HOH A O     1 
HETATM 575 O O     . HOH F 4 .  ? 6.104   6.092   1.140   1.00 25.26 ? 51 HOH A O     1 
HETATM 576 O O     . HOH F 4 .  ? 1.305   1.895   -5.122  1.00 21.11 ? 52 HOH A O     1 
HETATM 577 O O     . HOH F 4 .  ? 1.906   4.924   -5.605  1.00 33.20 ? 53 HOH A O     1 
HETATM 578 O O     . HOH F 4 .  ? 5.288   11.592  -5.448  1.00 29.56 ? 54 HOH A O     1 
HETATM 579 O O     . HOH F 4 .  ? 9.165   4.911   -3.130  1.00 37.68 ? 55 HOH A O     1 
HETATM 580 O O     . HOH F 4 .  ? 6.145   9.284   -5.689  1.00 22.87 ? 56 HOH A O     1 
HETATM 581 O O     . HOH F 4 .  ? 4.501   7.796   2.053   1.00 35.01 ? 57 HOH A O     1 
HETATM 582 O O     . HOH F 4 .  ? 8.024   -2.006  3.107   1.00 19.23 ? 58 HOH A O     1 
HETATM 583 O O     . HOH F 4 .  ? -7.808  2.370   6.739   1.00 27.55 ? 59 HOH A O     1 
HETATM 584 O O     . HOH F 4 .  ? 7.606   -3.153  -8.946  1.00 41.09 ? 60 HOH A O     1 
HETATM 585 O O     . HOH G 4 .  ? 4.449   -11.049 -10.721 1.00 32.66 ? 25 HOH B O     1 
HETATM 586 O O     . HOH G 4 .  ? 7.863   -3.439  -0.667  1.00 10.12 ? 26 HOH B O     1 
HETATM 587 O O     . HOH G 4 .  ? -12.933 -2.570  -4.935  1.00 30.37 ? 27 HOH B O     1 
HETATM 588 O O     . HOH G 4 .  ? -9.900  -7.294  -6.902  1.00 32.14 ? 28 HOH B O     1 
HETATM 589 O O     . HOH G 4 .  ? 11.563  -4.443  -0.702  1.00 39.61 ? 29 HOH B O     1 
HETATM 590 O O     . HOH G 4 .  ? 4.661   -12.132 -8.404  1.00 22.58 ? 30 HOH B O     1 
HETATM 591 O O     . HOH G 4 .  ? 6.275   0.832   6.819   1.00 24.20 ? 31 HOH B O     1 
HETATM 592 O O     . HOH G 4 .  ? 5.127   -16.685 -8.109  1.00 45.71 ? 32 HOH B O     1 
HETATM 593 O O     . HOH G 4 .  ? -15.421 -4.021  -4.845  1.00 37.48 ? 33 HOH B O     1 
HETATM 594 O O     . HOH G 4 .  ? 12.164  -4.147  2.735   1.00 34.65 ? 34 HOH B O     1 
HETATM 595 O O     . HOH G 4 .  ? -6.554  -15.676 -0.992  1.00 64.34 ? 35 HOH B O     1 
HETATM 596 O O     . HOH G 4 .  ? 5.931   1.316   14.317  1.00 35.33 ? 36 HOH B O     1 
HETATM 597 O O     . HOH G 4 .  ? 3.196   -8.546  2.003   1.00 17.45 ? 37 HOH B O     1 
HETATM 598 O O     . HOH G 4 .  ? -11.966 -2.186  -2.164  1.00 40.85 ? 38 HOH B O     1 
HETATM 599 O O     . HOH G 4 .  ? 9.472   0.572   12.699  1.00 34.68 ? 39 HOH B O     1 
HETATM 600 O O     . HOH G 4 .  ? -15.376 -1.366  -5.366  1.00 37.08 ? 40 HOH B O     1 
HETATM 601 O O     . HOH G 4 .  ? -4.358  -4.423  -6.876  1.00 35.28 ? 41 HOH B O     1 
HETATM 602 O O     . HOH G 4 .  ? -4.206  -6.674  -5.112  1.00 31.53 ? 42 HOH B O     1 
HETATM 603 O O     . HOH G 4 .  ? -2.399  -11.019 -5.953  1.00 30.77 ? 43 HOH B O     1 
HETATM 604 O O     . HOH G 4 .  ? -6.448  -2.613  -7.796  1.00 25.97 ? 44 HOH B O     1 
HETATM 605 O O     . HOH G 4 .  ? -6.240  -1.292  -10.102 1.00 28.30 ? 45 HOH B O     1 
# 
loop_
_pdbx_poly_seq_scheme.asym_id 
_pdbx_poly_seq_scheme.entity_id 
_pdbx_poly_seq_scheme.seq_id 
_pdbx_poly_seq_scheme.mon_id 
_pdbx_poly_seq_scheme.ndb_seq_num 
_pdbx_poly_seq_scheme.pdb_seq_num 
_pdbx_poly_seq_scheme.auth_seq_num 
_pdbx_poly_seq_scheme.pdb_mon_id 
_pdbx_poly_seq_scheme.auth_mon_id 
_pdbx_poly_seq_scheme.pdb_strand_id 
_pdbx_poly_seq_scheme.pdb_ins_code 
_pdbx_poly_seq_scheme.hetero 
A 1 1  DT 1  1  1  DT T A . n 
A 1 2  DA 2  2  2  DA A A . n 
A 1 3  DG 3  3  3  DG G A . n 
A 1 4  DG 4  4  4  DG G A . n 
A 1 5  DG 5  5  5  DG G A . n 
A 1 6  DT 6  6  6  DT T A . n 
A 1 7  DT 7  7  7  DT T A . n 
A 1 8  DA 8  8  8  DA A A . n 
A 1 9  DG 9  9  9  DG G A . n 
A 1 10 DG 10 10 10 DG G A . n 
A 1 11 DG 11 11 11 DG G A . n 
A 1 12 DT 12 12 12 DT T A . n 
B 1 1  DT 1  13 13 DT T B . n 
B 1 2  DA 2  14 14 DA A B . n 
B 1 3  DG 3  15 15 DG G B . n 
B 1 4  DG 4  16 16 DG G B . n 
B 1 5  DG 5  17 17 DG G B . n 
B 1 6  DT 6  18 18 DT T B . n 
B 1 7  DT 7  19 19 DT T B . n 
B 1 8  DA 8  20 20 DA A B . n 
B 1 9  DG 9  21 21 DG G B . n 
B 1 10 DG 10 22 22 DG G B . n 
B 1 11 DG 11 23 23 DG G B . n 
B 1 12 DT 12 24 24 DT T B . n 
# 
loop_
_pdbx_nonpoly_scheme.asym_id 
_pdbx_nonpoly_scheme.entity_id 
_pdbx_nonpoly_scheme.mon_id 
_pdbx_nonpoly_scheme.ndb_seq_num 
_pdbx_nonpoly_scheme.pdb_seq_num 
_pdbx_nonpoly_scheme.auth_seq_num 
_pdbx_nonpoly_scheme.pdb_mon_id 
_pdbx_nonpoly_scheme.auth_mon_id 
_pdbx_nonpoly_scheme.pdb_strand_id 
_pdbx_nonpoly_scheme.pdb_ins_code 
C 2 K   1  25 25 K   K   A . 
D 2 K   1  26 26 K   K   A . 
E 3 BRA 1  27 1  BRA BRA A . 
F 4 HOH 1  28 1  HOH HOH A . 
F 4 HOH 2  29 2  HOH HOH A . 
F 4 HOH 3  30 3  HOH HOH A . 
F 4 HOH 4  31 5  HOH HOH A . 
F 4 HOH 5  32 12 HOH HOH A . 
F 4 HOH 6  33 13 HOH HOH A . 
F 4 HOH 7  34 14 HOH HOH A . 
F 4 HOH 8  35 15 HOH HOH A . 
F 4 HOH 9  36 19 HOH HOH A . 
F 4 HOH 10 37 21 HOH HOH A . 
F 4 HOH 11 38 22 HOH HOH A . 
F 4 HOH 12 39 23 HOH HOH A . 
F 4 HOH 13 40 26 HOH HOH A . 
F 4 HOH 14 41 28 HOH HOH A . 
F 4 HOH 15 42 29 HOH HOH A . 
F 4 HOH 16 43 32 HOH HOH A . 
F 4 HOH 17 44 33 HOH HOH A . 
F 4 HOH 18 45 34 HOH HOH A . 
F 4 HOH 19 46 35 HOH HOH A . 
F 4 HOH 20 47 36 HOH HOH A . 
F 4 HOH 21 48 37 HOH HOH A . 
F 4 HOH 22 49 38 HOH HOH A . 
F 4 HOH 23 50 39 HOH HOH A . 
F 4 HOH 24 51 40 HOH HOH A . 
F 4 HOH 25 52 44 HOH HOH A . 
F 4 HOH 26 53 45 HOH HOH A . 
F 4 HOH 27 54 46 HOH HOH A . 
F 4 HOH 28 55 47 HOH HOH A . 
F 4 HOH 29 56 48 HOH HOH A . 
F 4 HOH 30 57 49 HOH HOH A . 
F 4 HOH 31 58 52 HOH HOH A . 
F 4 HOH 32 59 53 HOH HOH A . 
F 4 HOH 33 60 54 HOH HOH A . 
G 4 HOH 1  25 4  HOH HOH B . 
G 4 HOH 2  26 6  HOH HOH B . 
G 4 HOH 3  27 7  HOH HOH B . 
G 4 HOH 4  28 8  HOH HOH B . 
G 4 HOH 5  29 9  HOH HOH B . 
G 4 HOH 6  30 10 HOH HOH B . 
G 4 HOH 7  31 11 HOH HOH B . 
G 4 HOH 8  32 16 HOH HOH B . 
G 4 HOH 9  33 17 HOH HOH B . 
G 4 HOH 10 34 18 HOH HOH B . 
G 4 HOH 11 35 20 HOH HOH B . 
G 4 HOH 12 36 24 HOH HOH B . 
G 4 HOH 13 37 25 HOH HOH B . 
G 4 HOH 14 38 27 HOH HOH B . 
G 4 HOH 15 39 30 HOH HOH B . 
G 4 HOH 16 40 31 HOH HOH B . 
G 4 HOH 17 41 41 HOH HOH B . 
G 4 HOH 18 42 42 HOH HOH B . 
G 4 HOH 19 43 43 HOH HOH B . 
G 4 HOH 20 44 50 HOH HOH B . 
G 4 HOH 21 45 51 HOH HOH B . 
# 
_struct_site_keywords.site_id   1 
_struct_site_keywords.text      intercalation 
# 
loop_
_pdbx_struct_assembly.id 
_pdbx_struct_assembly.details 
_pdbx_struct_assembly.method_details 
_pdbx_struct_assembly.oligomeric_details 
_pdbx_struct_assembly.oligomeric_count 
1 author_defined_assembly   ?    tetrameric 4 
2 software_defined_assembly PISA dimeric    2 
# 
loop_
_pdbx_struct_assembly_gen.assembly_id 
_pdbx_struct_assembly_gen.oper_expression 
_pdbx_struct_assembly_gen.asym_id_list 
1 1,2 A,B,C,D,E,F,G 
2 1   A,B,C,D,E,F,G 
# 
loop_
_pdbx_struct_assembly_prop.biol_id 
_pdbx_struct_assembly_prop.type 
_pdbx_struct_assembly_prop.value 
_pdbx_struct_assembly_prop.details 
2 'ABSA (A^2)' 1830 ? 
2 MORE         -9.0 ? 
2 'SSA (A^2)'  4640 ? 
# 
loop_
_pdbx_struct_oper_list.id 
_pdbx_struct_oper_list.type 
_pdbx_struct_oper_list.name 
_pdbx_struct_oper_list.symmetry_operation 
_pdbx_struct_oper_list.matrix[1][1] 
_pdbx_struct_oper_list.matrix[1][2] 
_pdbx_struct_oper_list.matrix[1][3] 
_pdbx_struct_oper_list.vector[1] 
_pdbx_struct_oper_list.matrix[2][1] 
_pdbx_struct_oper_list.matrix[2][2] 
_pdbx_struct_oper_list.matrix[2][3] 
_pdbx_struct_oper_list.vector[2] 
_pdbx_struct_oper_list.matrix[3][1] 
_pdbx_struct_oper_list.matrix[3][2] 
_pdbx_struct_oper_list.matrix[3][3] 
_pdbx_struct_oper_list.vector[3] 
1 'identity operation'         1_555 x,y,z               1.0000000000  0.0000000000 0.0000000000  0.0000000000 0.0000000000 1.0000000000  0.0000000000  0.0000000000 0.0000000000  0.0000000000  1.0000000000 0.0000000000   
2 'crystal symmetry operation' 6_555 -x+1/2,-y+1/2,z+1/2 -0.9127991785 0.1960913091 -0.3582539020 8.9544211814 0.1960913091 -0.5590431278 -0.8056171422 2.9166131140 -0.3582539020 -0.8056171422 0.4718423062 -16.2115944977 
# 
loop_
_pdbx_struct_conn_angle.id 
_pdbx_struct_conn_angle.ptnr1_label_atom_id 
_pdbx_struct_conn_angle.ptnr1_label_alt_id 
_pdbx_struct_conn_angle.ptnr1_label_asym_id 
_pdbx_struct_conn_angle.ptnr1_label_comp_id 
_pdbx_struct_conn_angle.ptnr1_label_seq_id 
_pdbx_struct_conn_angle.ptnr1_auth_atom_id 
_pdbx_struct_conn_angle.ptnr1_auth_asym_id 
_pdbx_struct_conn_angle.ptnr1_auth_comp_id 
_pdbx_struct_conn_angle.ptnr1_auth_seq_id 
_pdbx_struct_conn_angle.ptnr1_PDB_ins_code 
_pdbx_struct_conn_angle.ptnr1_symmetry 
_pdbx_struct_conn_angle.ptnr2_label_atom_id 
_pdbx_struct_conn_angle.ptnr2_label_alt_id 
_pdbx_struct_conn_angle.ptnr2_label_asym_id 
_pdbx_struct_conn_angle.ptnr2_label_comp_id 
_pdbx_struct_conn_angle.ptnr2_label_seq_id 
_pdbx_struct_conn_angle.ptnr2_auth_atom_id 
_pdbx_struct_conn_angle.ptnr2_auth_asym_id 
_pdbx_struct_conn_angle.ptnr2_auth_comp_id 
_pdbx_struct_conn_angle.ptnr2_auth_seq_id 
_pdbx_struct_conn_angle.ptnr2_PDB_ins_code 
_pdbx_struct_conn_angle.ptnr2_symmetry 
_pdbx_struct_conn_angle.ptnr3_label_atom_id 
_pdbx_struct_conn_angle.ptnr3_label_alt_id 
_pdbx_struct_conn_angle.ptnr3_label_asym_id 
_pdbx_struct_conn_angle.ptnr3_label_comp_id 
_pdbx_struct_conn_angle.ptnr3_label_seq_id 
_pdbx_struct_conn_angle.ptnr3_auth_atom_id 
_pdbx_struct_conn_angle.ptnr3_auth_asym_id 
_pdbx_struct_conn_angle.ptnr3_auth_comp_id 
_pdbx_struct_conn_angle.ptnr3_auth_seq_id 
_pdbx_struct_conn_angle.ptnr3_PDB_ins_code 
_pdbx_struct_conn_angle.ptnr3_symmetry 
_pdbx_struct_conn_angle.value 
_pdbx_struct_conn_angle.value_esd 
1  O6 ? A DG 5  ? A DG 5  ? 1_555 K ? D K . ? A K 26 ? 1_555 O6 ? B DG 5  ? B DG 17 ? 1_555 114.0 ? 
2  O6 ? A DG 5  ? A DG 5  ? 1_555 K ? D K . ? A K 26 ? 1_555 O6 ? B DG 10 ? B DG 22 ? 1_555 137.3 ? 
3  O6 ? B DG 5  ? B DG 17 ? 1_555 K ? D K . ? A K 26 ? 1_555 O6 ? B DG 10 ? B DG 22 ? 1_555 89.9  ? 
4  O6 ? A DG 5  ? A DG 5  ? 1_555 K ? D K . ? A K 26 ? 1_555 O6 ? B DG 11 ? B DG 23 ? 1_555 75.5  ? 
5  O6 ? B DG 5  ? B DG 17 ? 1_555 K ? D K . ? A K 26 ? 1_555 O6 ? B DG 11 ? B DG 23 ? 1_555 79.6  ? 
6  O6 ? B DG 10 ? B DG 22 ? 1_555 K ? D K . ? A K 26 ? 1_555 O6 ? B DG 11 ? B DG 23 ? 1_555 74.9  ? 
7  O6 ? A DG 9  ? A DG 9  ? 1_555 K ? C K . ? A K 25 ? 1_555 O6 ? A DG 10 ? A DG 10 ? 1_555 78.4  ? 
8  O6 ? A DG 9  ? A DG 9  ? 1_555 K ? C K . ? A K 25 ? 1_555 O6 ? B DG 9  ? B DG 21 ? 1_555 122.3 ? 
9  O6 ? A DG 10 ? A DG 10 ? 1_555 K ? C K . ? A K 25 ? 1_555 O6 ? B DG 9  ? B DG 21 ? 1_555 146.8 ? 
10 O6 ? A DG 9  ? A DG 9  ? 1_555 K ? C K . ? A K 25 ? 1_555 O6 ? B DG 10 ? B DG 22 ? 1_555 153.1 ? 
11 O6 ? A DG 10 ? A DG 10 ? 1_555 K ? C K . ? A K 25 ? 1_555 O6 ? B DG 10 ? B DG 22 ? 1_555 106.2 ? 
12 O6 ? B DG 9  ? B DG 21 ? 1_555 K ? C K . ? A K 25 ? 1_555 O6 ? B DG 10 ? B DG 22 ? 1_555 67.8  ? 
# 
loop_
_pdbx_audit_revision_history.ordinal 
_pdbx_audit_revision_history.data_content_type 
_pdbx_audit_revision_history.major_revision 
_pdbx_audit_revision_history.minor_revision 
_pdbx_audit_revision_history.revision_date 
1 'Structure model' 1 0 2008-05-13 
2 'Structure model' 1 1 2011-07-13 
3 'Structure model' 1 2 2017-01-11 
4 'Structure model' 1 3 2023-08-30 
# 
_pdbx_audit_revision_details.ordinal             1 
_pdbx_audit_revision_details.revision_ordinal    1 
_pdbx_audit_revision_details.data_content_type   'Structure model' 
_pdbx_audit_revision_details.provider            repository 
_pdbx_audit_revision_details.type                'Initial release' 
_pdbx_audit_revision_details.description         ? 
_pdbx_audit_revision_details.details             ? 
# 
loop_
_pdbx_audit_revision_group.ordinal 
_pdbx_audit_revision_group.revision_ordinal 
_pdbx_audit_revision_group.data_content_type 
_pdbx_audit_revision_group.group 
1 2 'Structure model' 'Version format compliance' 
2 3 'Structure model' Other                       
3 4 'Structure model' 'Data collection'           
4 4 'Structure model' 'Database references'       
5 4 'Structure model' 'Derived calculations'      
6 4 'Structure model' 'Refinement description'    
# 
loop_
_pdbx_audit_revision_category.ordinal 
_pdbx_audit_revision_category.revision_ordinal 
_pdbx_audit_revision_category.data_content_type 
_pdbx_audit_revision_category.category 
1 4 'Structure model' chem_comp_atom                
2 4 'Structure model' chem_comp_bond                
3 4 'Structure model' database_2                    
4 4 'Structure model' pdbx_initial_refinement_model 
5 4 'Structure model' struct_conn                   
6 4 'Structure model' struct_ref_seq                
7 4 'Structure model' struct_site                   
# 
loop_
_pdbx_audit_revision_item.ordinal 
_pdbx_audit_revision_item.revision_ordinal 
_pdbx_audit_revision_item.data_content_type 
_pdbx_audit_revision_item.item 
1  4 'Structure model' '_database_2.pdbx_DOI'                
2  4 'Structure model' '_database_2.pdbx_database_accession' 
3  4 'Structure model' '_struct_conn.pdbx_dist_value'        
4  4 'Structure model' '_struct_conn.ptnr1_auth_asym_id'     
5  4 'Structure model' '_struct_conn.ptnr1_auth_comp_id'     
6  4 'Structure model' '_struct_conn.ptnr1_auth_seq_id'      
7  4 'Structure model' '_struct_conn.ptnr1_label_asym_id'    
8  4 'Structure model' '_struct_conn.ptnr1_label_atom_id'    
9  4 'Structure model' '_struct_conn.ptnr1_label_comp_id'    
10 4 'Structure model' '_struct_conn.ptnr1_label_seq_id'     
11 4 'Structure model' '_struct_conn.ptnr2_auth_asym_id'     
12 4 'Structure model' '_struct_conn.ptnr2_auth_comp_id'     
13 4 'Structure model' '_struct_conn.ptnr2_auth_seq_id'      
14 4 'Structure model' '_struct_conn.ptnr2_label_asym_id'    
15 4 'Structure model' '_struct_conn.ptnr2_label_atom_id'    
16 4 'Structure model' '_struct_conn.ptnr2_label_comp_id'    
17 4 'Structure model' '_struct_conn.ptnr2_label_seq_id'     
18 4 'Structure model' '_struct_ref_seq.db_align_beg'        
19 4 'Structure model' '_struct_ref_seq.db_align_end'        
20 4 'Structure model' '_struct_site.pdbx_auth_asym_id'      
21 4 'Structure model' '_struct_site.pdbx_auth_comp_id'      
22 4 'Structure model' '_struct_site.pdbx_auth_seq_id'       
# 
loop_
_software.name 
_software.classification 
_software.version 
_software.citation_id 
_software.pdbx_ordinal 
REFMAC       refinement        5.2.0019 ? 1 
CrystalClear 'data collection' .        ? 2 
d*TREK       'data reduction'  .        ? 3 
d*TREK       'data scaling'    .        ? 4 
PHASER       phasing           .        ? 5 
# 
loop_
_pdbx_validate_rmsd_bond.id 
_pdbx_validate_rmsd_bond.PDB_model_num 
_pdbx_validate_rmsd_bond.auth_atom_id_1 
_pdbx_validate_rmsd_bond.auth_asym_id_1 
_pdbx_validate_rmsd_bond.auth_comp_id_1 
_pdbx_validate_rmsd_bond.auth_seq_id_1 
_pdbx_validate_rmsd_bond.PDB_ins_code_1 
_pdbx_validate_rmsd_bond.label_alt_id_1 
_pdbx_validate_rmsd_bond.auth_atom_id_2 
_pdbx_validate_rmsd_bond.auth_asym_id_2 
_pdbx_validate_rmsd_bond.auth_comp_id_2 
_pdbx_validate_rmsd_bond.auth_seq_id_2 
_pdbx_validate_rmsd_bond.PDB_ins_code_2 
_pdbx_validate_rmsd_bond.label_alt_id_2 
_pdbx_validate_rmsd_bond.bond_value 
_pdbx_validate_rmsd_bond.bond_target_value 
_pdbx_validate_rmsd_bond.bond_deviation 
_pdbx_validate_rmsd_bond.bond_standard_deviation 
_pdbx_validate_rmsd_bond.linker_flag 
1 1 "C5'" A DT 1  ? ? "C4'" A DT 1  ? ? 1.563 1.512 0.051  0.007 N 
2 1 "O3'" A DT 1  ? ? "C3'" A DT 1  ? ? 1.556 1.435 0.121  0.013 N 
3 1 "C5'" A DA 2  ? ? "C4'" A DA 2  ? ? 1.554 1.512 0.042  0.007 N 
4 1 "O3'" A DT 12 ? ? "C3'" A DT 12 ? ? 1.359 1.419 -0.060 0.006 N 
5 1 C2    A DT 12 ? ? O2    A DT 12 ? ? 1.165 1.220 -0.055 0.008 N 
6 1 C4    A DT 12 ? ? O4    A DT 12 ? ? 1.173 1.228 -0.055 0.009 N 
7 1 C2    B DT 13 ? ? O2    B DT 13 ? ? 1.168 1.220 -0.052 0.008 N 
8 1 "O3'" B DG 16 ? ? "C3'" B DG 16 ? ? 1.341 1.419 -0.078 0.006 N 
9 1 "O3'" B DT 24 ? ? "C3'" B DT 24 ? ? 1.337 1.419 -0.082 0.006 N 
# 
loop_
_pdbx_validate_rmsd_angle.id 
_pdbx_validate_rmsd_angle.PDB_model_num 
_pdbx_validate_rmsd_angle.auth_atom_id_1 
_pdbx_validate_rmsd_angle.auth_asym_id_1 
_pdbx_validate_rmsd_angle.auth_comp_id_1 
_pdbx_validate_rmsd_angle.auth_seq_id_1 
_pdbx_validate_rmsd_angle.PDB_ins_code_1 
_pdbx_validate_rmsd_angle.label_alt_id_1 
_pdbx_validate_rmsd_angle.auth_atom_id_2 
_pdbx_validate_rmsd_angle.auth_asym_id_2 
_pdbx_validate_rmsd_angle.auth_comp_id_2 
_pdbx_validate_rmsd_angle.auth_seq_id_2 
_pdbx_validate_rmsd_angle.PDB_ins_code_2 
_pdbx_validate_rmsd_angle.label_alt_id_2 
_pdbx_validate_rmsd_angle.auth_atom_id_3 
_pdbx_validate_rmsd_angle.auth_asym_id_3 
_pdbx_validate_rmsd_angle.auth_comp_id_3 
_pdbx_validate_rmsd_angle.auth_seq_id_3 
_pdbx_validate_rmsd_angle.PDB_ins_code_3 
_pdbx_validate_rmsd_angle.label_alt_id_3 
_pdbx_validate_rmsd_angle.angle_value 
_pdbx_validate_rmsd_angle.angle_target_value 
_pdbx_validate_rmsd_angle.angle_deviation 
_pdbx_validate_rmsd_angle.angle_standard_deviation 
_pdbx_validate_rmsd_angle.linker_flag 
1  1 "O4'" A DT 1  ? ? "C1'" A DT 1  ? ? N1    A DT 1  ? ? 111.81 108.30 3.51   0.30 N 
2  1 "C3'" A DT 1  ? ? "O3'" A DT 1  ? ? P     A DA 2  ? B 129.19 119.70 9.49   1.20 Y 
3  1 P     A DA 2  ? A "O5'" A DA 2  ? ? "C5'" A DA 2  ? ? 133.20 120.90 12.30  1.60 N 
4  1 "O4'" A DG 3  ? ? "C4'" A DG 3  ? ? "C3'" A DG 3  ? ? 102.05 104.50 -2.45  0.40 N 
5  1 C5    A DG 3  ? ? C6    A DG 3  ? ? N1    A DG 3  ? ? 115.40 111.50 3.90   0.50 N 
6  1 "O4'" A DG 5  ? ? "C1'" A DG 5  ? ? N9    A DG 5  ? ? 111.29 108.30 2.99   0.30 N 
7  1 C2    A DG 5  ? ? N3    A DG 5  ? ? C4    A DG 5  ? ? 116.12 111.90 4.22   0.50 N 
8  1 N1    A DG 5  ? ? C6    A DG 5  ? ? O6    A DG 5  ? ? 115.86 119.90 -4.04  0.60 N 
9  1 N1    A DT 6  ? ? C2    A DT 6  ? ? N3    A DT 6  ? ? 118.37 114.60 3.77   0.60 N 
10 1 C2    A DT 6  ? ? N3    A DT 6  ? ? C4    A DT 6  ? ? 122.71 127.20 -4.49  0.60 N 
11 1 N1    A DT 6  ? ? C2    A DT 6  ? ? O2    A DT 6  ? ? 117.73 123.10 -5.37  0.80 N 
12 1 C5    A DT 6  ? ? C4    A DT 6  ? ? O4    A DT 6  ? ? 120.61 124.90 -4.29  0.70 N 
13 1 "O4'" A DT 7  ? ? "C4'" A DT 7  ? ? "C3'" A DT 7  ? ? 101.41 104.50 -3.09  0.40 N 
14 1 N3    A DT 7  ? ? C4    A DT 7  ? ? O4    A DT 7  ? ? 125.59 119.90 5.69   0.60 N 
15 1 C5    A DT 7  ? ? C4    A DT 7  ? ? O4    A DT 7  ? ? 120.54 124.90 -4.36  0.70 N 
16 1 "O4'" A DA 8  ? ? "C1'" A DA 8  ? ? "C2'" A DA 8  ? ? 99.38  105.90 -6.52  0.80 N 
17 1 "O4'" A DA 8  ? ? "C1'" A DA 8  ? ? N9    A DA 8  ? ? 102.84 108.00 -5.16  0.70 N 
18 1 C6    A DA 8  ? ? N1    A DA 8  ? ? C2    A DA 8  ? ? 112.94 118.60 -5.66  0.60 N 
19 1 C5    A DA 8  ? ? C6    A DA 8  ? ? N1    A DA 8  ? ? 120.75 117.70 3.05   0.50 N 
20 1 C5    A DA 8  ? ? C6    A DA 8  ? ? N6    A DA 8  ? ? 118.25 123.70 -5.45  0.80 N 
21 1 C2    A DG 9  ? ? N3    A DG 9  ? ? C4    A DG 9  ? ? 116.07 111.90 4.17   0.50 N 
22 1 N1    A DG 9  ? ? C2    A DG 9  ? ? N2    A DG 9  ? ? 122.10 116.20 5.90   0.90 N 
23 1 C5    A DG 9  ? ? C6    A DG 9  ? ? O6    A DG 9  ? ? 124.66 128.60 -3.94  0.60 N 
24 1 C6    A DG 10 ? ? N1    A DG 10 ? ? C2    A DG 10 ? ? 119.74 125.10 -5.36  0.60 N 
25 1 C5    A DG 10 ? ? C6    A DG 10 ? ? N1    A DG 10 ? ? 115.78 111.50 4.28   0.50 N 
26 1 N1    A DG 10 ? ? C6    A DG 10 ? ? O6    A DG 10 ? ? 115.56 119.90 -4.34  0.60 N 
27 1 "O4'" A DG 11 ? ? "C4'" A DG 11 ? ? "C3'" A DG 11 ? ? 99.20  104.50 -5.30  0.40 N 
28 1 C2    A DG 11 ? ? N3    A DG 11 ? ? C4    A DG 11 ? ? 115.40 111.90 3.50   0.50 N 
29 1 "O4'" A DT 12 ? ? "C1'" A DT 12 ? ? "C2'" A DT 12 ? ? 95.86  105.90 -10.04 0.80 N 
30 1 "O4'" A DT 12 ? ? "C1'" A DT 12 ? ? N1    A DT 12 ? ? 101.63 108.00 -6.37  0.70 N 
31 1 C6    A DT 12 ? ? N1    A DT 12 ? ? C2    A DT 12 ? ? 117.15 121.30 -4.15  0.50 N 
32 1 N1    A DT 12 ? ? C2    A DT 12 ? ? N3    A DT 12 ? ? 119.96 114.60 5.36   0.60 N 
33 1 C2    A DT 12 ? ? N3    A DT 12 ? ? C4    A DT 12 ? ? 121.87 127.20 -5.33  0.60 N 
34 1 N3    A DT 12 ? ? C2    A DT 12 ? ? O2    A DT 12 ? ? 115.66 122.30 -6.64  0.60 N 
35 1 C5    A DT 12 ? ? C4    A DT 12 ? ? O4    A DT 12 ? ? 118.27 124.90 -6.63  0.70 N 
36 1 "C1'" B DT 13 ? ? "O4'" B DT 13 ? ? "C4'" B DT 13 ? ? 115.96 110.30 5.66   0.70 N 
37 1 "O4'" B DT 13 ? ? "C1'" B DT 13 ? ? "C2'" B DT 13 ? ? 100.03 105.90 -5.87  0.80 N 
38 1 C6    B DT 13 ? ? N1    B DT 13 ? ? C2    B DT 13 ? ? 117.19 121.30 -4.11  0.50 N 
39 1 "C1'" B DA 14 ? ? "O4'" B DA 14 ? ? "C4'" B DA 14 ? ? 114.67 110.30 4.37   0.70 N 
40 1 "O4'" B DA 14 ? ? "C1'" B DA 14 ? ? "C2'" B DA 14 ? ? 99.14  105.90 -6.76  0.80 N 
41 1 C4    B DG 16 ? ? C5    B DG 16 ? ? N7    B DG 16 ? ? 113.37 110.80 2.57   0.40 N 
42 1 C5    B DG 16 ? ? N7    B DG 16 ? ? C8    B DG 16 ? ? 100.69 104.30 -3.61  0.50 N 
43 1 "O4'" B DT 18 ? ? "C1'" B DT 18 ? ? N1    B DT 18 ? ? 102.76 108.00 -5.24  0.70 N 
44 1 N3    B DT 19 ? ? C4    B DT 19 ? ? O4    B DT 19 ? ? 123.97 119.90 4.07   0.60 N 
45 1 C5    B DT 19 ? ? C4    B DT 19 ? ? O4    B DT 19 ? ? 120.34 124.90 -4.56  0.70 N 
46 1 C4    B DT 19 ? ? C5    B DT 19 ? ? C7    B DT 19 ? ? 114.82 119.00 -4.18  0.60 N 
47 1 C6    B DT 19 ? ? C5    B DT 19 ? ? C7    B DT 19 ? ? 126.74 122.90 3.84   0.60 N 
48 1 C4    B DA 20 ? ? C5    B DA 20 ? ? N7    B DA 20 ? ? 114.69 110.70 3.99   0.50 N 
49 1 C5    B DA 20 ? ? N7    B DA 20 ? ? C8    B DA 20 ? ? 100.31 103.90 -3.59  0.50 N 
50 1 N1    B DA 20 ? ? C6    B DA 20 ? ? N6    B DA 20 ? ? 123.90 118.60 5.30   0.60 N 
51 1 C5    B DA 20 ? ? C6    B DA 20 ? ? N6    B DA 20 ? ? 117.27 123.70 -6.43  0.80 N 
52 1 OP1   B DG 21 ? ? P     B DG 21 ? ? OP2   B DG 21 ? ? 129.96 119.60 10.36  1.50 N 
53 1 C5    B DG 21 ? ? C6    B DG 21 ? ? N1    B DG 21 ? ? 114.65 111.50 3.15   0.50 N 
54 1 C5    B DG 23 ? ? C6    B DG 23 ? ? N1    B DG 23 ? ? 114.99 111.50 3.49   0.50 N 
55 1 "O4'" B DT 24 ? ? "C4'" B DT 24 ? ? "C3'" B DT 24 ? ? 101.60 104.50 -2.90  0.40 N 
56 1 N3    B DT 24 ? ? C4    B DT 24 ? ? C5    B DT 24 ? ? 119.26 115.20 4.06   0.60 N 
57 1 C5    B DT 24 ? ? C4    B DT 24 ? ? O4    B DT 24 ? ? 118.24 124.90 -6.66  0.70 N 
# 
loop_
_chem_comp_atom.comp_id 
_chem_comp_atom.atom_id 
_chem_comp_atom.type_symbol 
_chem_comp_atom.pdbx_aromatic_flag 
_chem_comp_atom.pdbx_stereo_config 
_chem_comp_atom.pdbx_ordinal 
BRA C40    C N N 1   
BRA C41    C N N 2   
BRA C42    C N N 3   
BRA C43    C N N 4   
BRA N39    N N N 5   
BRA C38    C N N 6   
BRA C37    C N N 7   
BRA C36    C N N 8   
BRA O52    O N N 9   
BRA N17    N N N 10  
BRA C3     C Y N 11  
BRA C4     C Y N 12  
BRA C2     C Y N 13  
BRA C1     C Y N 14  
BRA C6     C Y N 15  
BRA C10    C Y N 16  
BRA N19    N N N 17  
BRA C28    C Y N 18  
BRA C29    C Y N 19  
BRA C24    C Y N 20  
BRA C25    C Y N 21  
BRA N15    N N N 22  
BRA C16    C N N 23  
BRA C18    C N N 24  
BRA C26    C Y N 25  
BRA C27    C Y N 26  
BRA C5     C Y N 27  
BRA N7     N Y N 28  
BRA C8     C Y N 29  
BRA C11    C Y N 30  
BRA C9     C Y N 31  
BRA C14    C Y N 32  
BRA C13    C Y N 33  
BRA C12    C Y N 34  
BRA N21    N N N 35  
BRA C44    C N N 36  
BRA O53    O N N 37  
BRA C45    C N N 38  
BRA C46    C N N 39  
BRA N47    N N N 40  
BRA C48    C N N 41  
BRA C49    C N N 42  
BRA C50    C N N 43  
BRA C51    C N N 44  
BRA H40    H N N 45  
BRA H40A   H N N 46  
BRA H41    H N N 47  
BRA H41A   H N N 48  
BRA H42    H N N 49  
BRA H42A   H N N 50  
BRA H43    H N N 51  
BRA H43A   H N N 52  
BRA H38    H N N 53  
BRA H38A   H N N 54  
BRA H37    H N N 55  
BRA H37A   H N N 56  
BRA HN17   H N N 57  
BRA H4     H N N 58  
BRA H2     H N N 59  
BRA H1     H N N 60  
BRA HN19   H N N 61  
BRA H29    H N N 62  
BRA H24    H N N 63  
BRA H16    H N N 64  
BRA H16A   H N N 65  
BRA H16B   H N N 66  
BRA H18    H N N 67  
BRA H18A   H N N 68  
BRA H18B   H N N 69  
BRA H26    H N N 70  
BRA H27    H N N 71  
BRA H11    H N N 72  
BRA H14    H N N 73  
BRA H13    H N N 74  
BRA HN21   H N N 75  
BRA H45    H N N 76  
BRA H45A   H N N 77  
BRA H46    H N N 78  
BRA H46A   H N N 79  
BRA H48    H N N 80  
BRA H48A   H N N 81  
BRA H49    H N N 82  
BRA H49A   H N N 83  
BRA H50    H N N 84  
BRA H50A   H N N 85  
BRA H51    H N N 86  
BRA H51A   H N N 87  
DA  OP3    O N N 88  
DA  P      P N N 89  
DA  OP1    O N N 90  
DA  OP2    O N N 91  
DA  "O5'"  O N N 92  
DA  "C5'"  C N N 93  
DA  "C4'"  C N R 94  
DA  "O4'"  O N N 95  
DA  "C3'"  C N S 96  
DA  "O3'"  O N N 97  
DA  "C2'"  C N N 98  
DA  "C1'"  C N R 99  
DA  N9     N Y N 100 
DA  C8     C Y N 101 
DA  N7     N Y N 102 
DA  C5     C Y N 103 
DA  C6     C Y N 104 
DA  N6     N N N 105 
DA  N1     N Y N 106 
DA  C2     C Y N 107 
DA  N3     N Y N 108 
DA  C4     C Y N 109 
DA  HOP3   H N N 110 
DA  HOP2   H N N 111 
DA  "H5'"  H N N 112 
DA  "H5''" H N N 113 
DA  "H4'"  H N N 114 
DA  "H3'"  H N N 115 
DA  "HO3'" H N N 116 
DA  "H2'"  H N N 117 
DA  "H2''" H N N 118 
DA  "H1'"  H N N 119 
DA  H8     H N N 120 
DA  H61    H N N 121 
DA  H62    H N N 122 
DA  H2     H N N 123 
DG  OP3    O N N 124 
DG  P      P N N 125 
DG  OP1    O N N 126 
DG  OP2    O N N 127 
DG  "O5'"  O N N 128 
DG  "C5'"  C N N 129 
DG  "C4'"  C N R 130 
DG  "O4'"  O N N 131 
DG  "C3'"  C N S 132 
DG  "O3'"  O N N 133 
DG  "C2'"  C N N 134 
DG  "C1'"  C N R 135 
DG  N9     N Y N 136 
DG  C8     C Y N 137 
DG  N7     N Y N 138 
DG  C5     C Y N 139 
DG  C6     C N N 140 
DG  O6     O N N 141 
DG  N1     N N N 142 
DG  C2     C N N 143 
DG  N2     N N N 144 
DG  N3     N N N 145 
DG  C4     C Y N 146 
DG  HOP3   H N N 147 
DG  HOP2   H N N 148 
DG  "H5'"  H N N 149 
DG  "H5''" H N N 150 
DG  "H4'"  H N N 151 
DG  "H3'"  H N N 152 
DG  "HO3'" H N N 153 
DG  "H2'"  H N N 154 
DG  "H2''" H N N 155 
DG  "H1'"  H N N 156 
DG  H8     H N N 157 
DG  H1     H N N 158 
DG  H21    H N N 159 
DG  H22    H N N 160 
DT  OP3    O N N 161 
DT  P      P N N 162 
DT  OP1    O N N 163 
DT  OP2    O N N 164 
DT  "O5'"  O N N 165 
DT  "C5'"  C N N 166 
DT  "C4'"  C N R 167 
DT  "O4'"  O N N 168 
DT  "C3'"  C N S 169 
DT  "O3'"  O N N 170 
DT  "C2'"  C N N 171 
DT  "C1'"  C N R 172 
DT  N1     N N N 173 
DT  C2     C N N 174 
DT  O2     O N N 175 
DT  N3     N N N 176 
DT  C4     C N N 177 
DT  O4     O N N 178 
DT  C5     C N N 179 
DT  C7     C N N 180 
DT  C6     C N N 181 
DT  HOP3   H N N 182 
DT  HOP2   H N N 183 
DT  "H5'"  H N N 184 
DT  "H5''" H N N 185 
DT  "H4'"  H N N 186 
DT  "H3'"  H N N 187 
DT  "HO3'" H N N 188 
DT  "H2'"  H N N 189 
DT  "H2''" H N N 190 
DT  "H1'"  H N N 191 
DT  H3     H N N 192 
DT  H71    H N N 193 
DT  H72    H N N 194 
DT  H73    H N N 195 
DT  H6     H N N 196 
HOH O      O N N 197 
HOH H1     H N N 198 
HOH H2     H N N 199 
K   K      K N N 200 
# 
loop_
_chem_comp_bond.comp_id 
_chem_comp_bond.atom_id_1 
_chem_comp_bond.atom_id_2 
_chem_comp_bond.value_order 
_chem_comp_bond.pdbx_aromatic_flag 
_chem_comp_bond.pdbx_stereo_config 
_chem_comp_bond.pdbx_ordinal 
BRA C40   N39    sing N N 1   
BRA C40   C41    sing N N 2   
BRA C40   H40    sing N N 3   
BRA C40   H40A   sing N N 4   
BRA C42   C41    sing N N 5   
BRA C41   H41    sing N N 6   
BRA C41   H41A   sing N N 7   
BRA C43   C42    sing N N 8   
BRA C42   H42    sing N N 9   
BRA C42   H42A   sing N N 10  
BRA C43   N39    sing N N 11  
BRA C43   H43    sing N N 12  
BRA C43   H43A   sing N N 13  
BRA C38   N39    sing N N 14  
BRA C38   C37    sing N N 15  
BRA C38   H38    sing N N 16  
BRA C38   H38A   sing N N 17  
BRA C36   C37    sing N N 18  
BRA C37   H37    sing N N 19  
BRA C37   H37A   sing N N 20  
BRA N17   C36    sing N N 21  
BRA C36   O52    doub N N 22  
BRA C3    N17    sing N N 23  
BRA N17   HN17   sing N N 24  
BRA C4    C3     doub Y N 25  
BRA C3    C2     sing Y N 26  
BRA C5    C4     sing Y N 27  
BRA C4    H4     sing N N 28  
BRA C1    C2     doub Y N 29  
BRA C2    H2     sing N N 30  
BRA C6    C1     sing Y N 31  
BRA C1    H1     sing N N 32  
BRA C5    C6     sing Y N 33  
BRA C10   C6     doub Y N 34  
BRA C9    C10    sing Y N 35  
BRA C10   N19    sing N N 36  
BRA C28   N19    sing N N 37  
BRA N19   HN19   sing N N 38  
BRA C29   C28    doub Y N 39  
BRA C28   C27    sing Y N 40  
BRA C24   C29    sing Y N 41  
BRA C29   H29    sing N N 42  
BRA C24   C25    doub Y N 43  
BRA C24   H24    sing N N 44  
BRA N15   C25    sing N N 45  
BRA C25   C26    sing Y N 46  
BRA C18   N15    sing N N 47  
BRA N15   C16    sing N N 48  
BRA C16   H16    sing N N 49  
BRA C16   H16A   sing N N 50  
BRA C16   H16B   sing N N 51  
BRA C18   H18    sing N N 52  
BRA C18   H18A   sing N N 53  
BRA C18   H18B   sing N N 54  
BRA C26   C27    doub Y N 55  
BRA C26   H26    sing N N 56  
BRA C27   H27    sing N N 57  
BRA N7    C5     doub Y N 58  
BRA N7    C8     sing Y N 59  
BRA C11   C8     doub Y N 60  
BRA C8    C9     sing Y N 61  
BRA C11   C12    sing Y N 62  
BRA C11   H11    sing N N 63  
BRA C14   C9     doub Y N 64  
BRA C13   C14    sing Y N 65  
BRA C14   H14    sing N N 66  
BRA C12   C13    doub Y N 67  
BRA C13   H13    sing N N 68  
BRA N21   C12    sing N N 69  
BRA C44   N21    sing N N 70  
BRA N21   HN21   sing N N 71  
BRA O53   C44    doub N N 72  
BRA C45   C44    sing N N 73  
BRA C46   C45    sing N N 74  
BRA C45   H45    sing N N 75  
BRA C45   H45A   sing N N 76  
BRA N47   C46    sing N N 77  
BRA C46   H46    sing N N 78  
BRA C46   H46A   sing N N 79  
BRA C48   N47    sing N N 80  
BRA N47   C51    sing N N 81  
BRA C48   C49    sing N N 82  
BRA C48   H48    sing N N 83  
BRA C48   H48A   sing N N 84  
BRA C49   C50    sing N N 85  
BRA C49   H49    sing N N 86  
BRA C49   H49A   sing N N 87  
BRA C50   C51    sing N N 88  
BRA C50   H50    sing N N 89  
BRA C50   H50A   sing N N 90  
BRA C51   H51    sing N N 91  
BRA C51   H51A   sing N N 92  
DA  OP3   P      sing N N 93  
DA  OP3   HOP3   sing N N 94  
DA  P     OP1    doub N N 95  
DA  P     OP2    sing N N 96  
DA  P     "O5'"  sing N N 97  
DA  OP2   HOP2   sing N N 98  
DA  "O5'" "C5'"  sing N N 99  
DA  "C5'" "C4'"  sing N N 100 
DA  "C5'" "H5'"  sing N N 101 
DA  "C5'" "H5''" sing N N 102 
DA  "C4'" "O4'"  sing N N 103 
DA  "C4'" "C3'"  sing N N 104 
DA  "C4'" "H4'"  sing N N 105 
DA  "O4'" "C1'"  sing N N 106 
DA  "C3'" "O3'"  sing N N 107 
DA  "C3'" "C2'"  sing N N 108 
DA  "C3'" "H3'"  sing N N 109 
DA  "O3'" "HO3'" sing N N 110 
DA  "C2'" "C1'"  sing N N 111 
DA  "C2'" "H2'"  sing N N 112 
DA  "C2'" "H2''" sing N N 113 
DA  "C1'" N9     sing N N 114 
DA  "C1'" "H1'"  sing N N 115 
DA  N9    C8     sing Y N 116 
DA  N9    C4     sing Y N 117 
DA  C8    N7     doub Y N 118 
DA  C8    H8     sing N N 119 
DA  N7    C5     sing Y N 120 
DA  C5    C6     sing Y N 121 
DA  C5    C4     doub Y N 122 
DA  C6    N6     sing N N 123 
DA  C6    N1     doub Y N 124 
DA  N6    H61    sing N N 125 
DA  N6    H62    sing N N 126 
DA  N1    C2     sing Y N 127 
DA  C2    N3     doub Y N 128 
DA  C2    H2     sing N N 129 
DA  N3    C4     sing Y N 130 
DG  OP3   P      sing N N 131 
DG  OP3   HOP3   sing N N 132 
DG  P     OP1    doub N N 133 
DG  P     OP2    sing N N 134 
DG  P     "O5'"  sing N N 135 
DG  OP2   HOP2   sing N N 136 
DG  "O5'" "C5'"  sing N N 137 
DG  "C5'" "C4'"  sing N N 138 
DG  "C5'" "H5'"  sing N N 139 
DG  "C5'" "H5''" sing N N 140 
DG  "C4'" "O4'"  sing N N 141 
DG  "C4'" "C3'"  sing N N 142 
DG  "C4'" "H4'"  sing N N 143 
DG  "O4'" "C1'"  sing N N 144 
DG  "C3'" "O3'"  sing N N 145 
DG  "C3'" "C2'"  sing N N 146 
DG  "C3'" "H3'"  sing N N 147 
DG  "O3'" "HO3'" sing N N 148 
DG  "C2'" "C1'"  sing N N 149 
DG  "C2'" "H2'"  sing N N 150 
DG  "C2'" "H2''" sing N N 151 
DG  "C1'" N9     sing N N 152 
DG  "C1'" "H1'"  sing N N 153 
DG  N9    C8     sing Y N 154 
DG  N9    C4     sing Y N 155 
DG  C8    N7     doub Y N 156 
DG  C8    H8     sing N N 157 
DG  N7    C5     sing Y N 158 
DG  C5    C6     sing N N 159 
DG  C5    C4     doub Y N 160 
DG  C6    O6     doub N N 161 
DG  C6    N1     sing N N 162 
DG  N1    C2     sing N N 163 
DG  N1    H1     sing N N 164 
DG  C2    N2     sing N N 165 
DG  C2    N3     doub N N 166 
DG  N2    H21    sing N N 167 
DG  N2    H22    sing N N 168 
DG  N3    C4     sing N N 169 
DT  OP3   P      sing N N 170 
DT  OP3   HOP3   sing N N 171 
DT  P     OP1    doub N N 172 
DT  P     OP2    sing N N 173 
DT  P     "O5'"  sing N N 174 
DT  OP2   HOP2   sing N N 175 
DT  "O5'" "C5'"  sing N N 176 
DT  "C5'" "C4'"  sing N N 177 
DT  "C5'" "H5'"  sing N N 178 
DT  "C5'" "H5''" sing N N 179 
DT  "C4'" "O4'"  sing N N 180 
DT  "C4'" "C3'"  sing N N 181 
DT  "C4'" "H4'"  sing N N 182 
DT  "O4'" "C1'"  sing N N 183 
DT  "C3'" "O3'"  sing N N 184 
DT  "C3'" "C2'"  sing N N 185 
DT  "C3'" "H3'"  sing N N 186 
DT  "O3'" "HO3'" sing N N 187 
DT  "C2'" "C1'"  sing N N 188 
DT  "C2'" "H2'"  sing N N 189 
DT  "C2'" "H2''" sing N N 190 
DT  "C1'" N1     sing N N 191 
DT  "C1'" "H1'"  sing N N 192 
DT  N1    C2     sing N N 193 
DT  N1    C6     sing N N 194 
DT  C2    O2     doub N N 195 
DT  C2    N3     sing N N 196 
DT  N3    C4     sing N N 197 
DT  N3    H3     sing N N 198 
DT  C4    O4     doub N N 199 
DT  C4    C5     sing N N 200 
DT  C5    C7     sing N N 201 
DT  C5    C6     doub N N 202 
DT  C7    H71    sing N N 203 
DT  C7    H72    sing N N 204 
DT  C7    H73    sing N N 205 
DT  C6    H6     sing N N 206 
HOH O     H1     sing N N 207 
HOH O     H2     sing N N 208 
# 
loop_
_ndb_struct_conf_na.entry_id 
_ndb_struct_conf_na.feature 
3CE5 'double helix'         
3CE5 'parallel strands'     
3CE5 'mismatched base pair' 
# 
loop_
_ndb_struct_na_base_pair.model_number 
_ndb_struct_na_base_pair.i_label_asym_id 
_ndb_struct_na_base_pair.i_label_comp_id 
_ndb_struct_na_base_pair.i_label_seq_id 
_ndb_struct_na_base_pair.i_symmetry 
_ndb_struct_na_base_pair.j_label_asym_id 
_ndb_struct_na_base_pair.j_label_comp_id 
_ndb_struct_na_base_pair.j_label_seq_id 
_ndb_struct_na_base_pair.j_symmetry 
_ndb_struct_na_base_pair.shear 
_ndb_struct_na_base_pair.stretch 
_ndb_struct_na_base_pair.stagger 
_ndb_struct_na_base_pair.buckle 
_ndb_struct_na_base_pair.propeller 
_ndb_struct_na_base_pair.opening 
_ndb_struct_na_base_pair.pair_number 
_ndb_struct_na_base_pair.pair_name 
_ndb_struct_na_base_pair.i_auth_asym_id 
_ndb_struct_na_base_pair.i_auth_seq_id 
_ndb_struct_na_base_pair.i_PDB_ins_code 
_ndb_struct_na_base_pair.j_auth_asym_id 
_ndb_struct_na_base_pair.j_auth_seq_id 
_ndb_struct_na_base_pair.j_PDB_ins_code 
_ndb_struct_na_base_pair.hbond_type_28 
_ndb_struct_na_base_pair.hbond_type_12 
1 A DA 2  1_555 B DT 1  1_555 0.076  1.216  -0.085 8.942  -12.694 176.421 1 A_DA2:DT13_B  A 2  ? B 13 ? 21 2 
1 A DG 3  1_555 A DG 9  1_555 1.910  3.388  -0.152 -4.479 -0.410  -88.532 2 A_DG3:DG9_A   A 3  ? A 9  ? 6  3 
1 B DG 9  1_555 B DG 3  1_555 -2.031 -3.174 0.492  -0.098 1.361   90.324  3 B_DG21:DG15_B B 21 ? B 15 ? 6  3 
1 A DG 10 1_555 B DG 4  1_555 1.760  3.581  -0.128 -2.093 -6.608  -90.372 4 A_DG10:DG16_B A 10 ? B 16 ? 6  3 
1 A DG 4  1_555 B DG 10 1_555 -1.840 -3.142 0.174  -1.518 9.462   88.696  5 A_DG4:DG22_B  A 4  ? B 22 ? 6  3 
1 A DG 5  1_555 A DG 11 1_555 1.724  2.637  -0.033 6.350  -10.786 -98.660 6 A_DG5:DG11_A  A 5  ? A 11 ? 6  3 
1 B DG 11 1_555 B DG 5  1_555 -1.990 -3.410 0.230  -9.833 7.927   87.102  7 B_DG23:DG17_B B 23 ? B 17 ? 6  3 
# 
loop_
_ndb_struct_na_base_pair_step.model_number 
_ndb_struct_na_base_pair_step.i_label_asym_id_1 
_ndb_struct_na_base_pair_step.i_label_comp_id_1 
_ndb_struct_na_base_pair_step.i_label_seq_id_1 
_ndb_struct_na_base_pair_step.i_symmetry_1 
_ndb_struct_na_base_pair_step.j_label_asym_id_1 
_ndb_struct_na_base_pair_step.j_label_comp_id_1 
_ndb_struct_na_base_pair_step.j_label_seq_id_1 
_ndb_struct_na_base_pair_step.j_symmetry_1 
_ndb_struct_na_base_pair_step.i_label_asym_id_2 
_ndb_struct_na_base_pair_step.i_label_comp_id_2 
_ndb_struct_na_base_pair_step.i_label_seq_id_2 
_ndb_struct_na_base_pair_step.i_symmetry_2 
_ndb_struct_na_base_pair_step.j_label_asym_id_2 
_ndb_struct_na_base_pair_step.j_label_comp_id_2 
_ndb_struct_na_base_pair_step.j_label_seq_id_2 
_ndb_struct_na_base_pair_step.j_symmetry_2 
_ndb_struct_na_base_pair_step.shift 
_ndb_struct_na_base_pair_step.slide 
_ndb_struct_na_base_pair_step.rise 
_ndb_struct_na_base_pair_step.tilt 
_ndb_struct_na_base_pair_step.roll 
_ndb_struct_na_base_pair_step.twist 
_ndb_struct_na_base_pair_step.x_displacement 
_ndb_struct_na_base_pair_step.y_displacement 
_ndb_struct_na_base_pair_step.helical_rise 
_ndb_struct_na_base_pair_step.inclination 
_ndb_struct_na_base_pair_step.tip 
_ndb_struct_na_base_pair_step.helical_twist 
_ndb_struct_na_base_pair_step.step_number 
_ndb_struct_na_base_pair_step.step_name 
_ndb_struct_na_base_pair_step.i_auth_asym_id_1 
_ndb_struct_na_base_pair_step.i_auth_seq_id_1 
_ndb_struct_na_base_pair_step.i_PDB_ins_code_1 
_ndb_struct_na_base_pair_step.j_auth_asym_id_1 
_ndb_struct_na_base_pair_step.j_auth_seq_id_1 
_ndb_struct_na_base_pair_step.j_PDB_ins_code_1 
_ndb_struct_na_base_pair_step.i_auth_asym_id_2 
_ndb_struct_na_base_pair_step.i_auth_seq_id_2 
_ndb_struct_na_base_pair_step.i_PDB_ins_code_2 
_ndb_struct_na_base_pair_step.j_auth_asym_id_2 
_ndb_struct_na_base_pair_step.j_auth_seq_id_2 
_ndb_struct_na_base_pair_step.j_PDB_ins_code_2 
1 A DA 2  1_555 B DT 1  1_555 A DG 3  1_555 A DG 9  1_555 1.125  -0.501 2.783  -0.869 2.534  167.788  -0.255 -0.567 2.781  1.274  
0.437  167.791  1 AA_DA2DG3:DG9DT13_AB    A 2  ? B 13 ? A 3  ? A 9  ? 
1 A DG 3  1_555 A DG 9  1_555 B DG 9  1_555 B DG 3  1_555 2.056  3.034  0.221  -0.788 -9.266 -178.928 -1.517 1.028  0.224  4.633  
-0.394 -178.932 2 AB_DG3DG21:DG15DG9_BA   A 3  ? A 9  ? B 21 ? B 15 ? 
1 B DG 9  1_555 B DG 3  1_555 A DG 10 1_555 B DG 4  1_555 0.644  1.840  3.141  -1.217 0.021  -65.623  -1.698 0.546  3.151  -0.019 
-1.123 -65.633  3 BA_DG21DG10:DG16DG15_BB B 21 ? B 15 ? A 10 ? B 16 ? 
1 A DG 10 1_555 B DG 4  1_555 A DG 4  1_555 B DG 10 1_555 1.790  3.542  -0.058 4.110  -4.693 -177.932 -1.772 0.895  -0.057 2.347  
2.055  -177.935 4 AA_DG10DG4:DG22DG16_BB  A 10 ? B 16 ? A 4  ? B 22 ? 
1 A DG 5  1_555 A DG 11 1_555 B DG 11 1_555 B DG 5  1_555 -1.974 -3.404 -0.276 -2.801 8.112  178.801  -1.702 0.987  -0.278 4.056  
1.401  178.805  5 AB_DG5DG23:DG17DG11_BA  A 5  ? A 11 ? B 23 ? B 17 ? 
# 
loop_
_pdbx_entity_nonpoly.entity_id 
_pdbx_entity_nonpoly.name 
_pdbx_entity_nonpoly.comp_id 
2 'POTASSIUM ION'                                                                    K   
3 '9-[4-(n,n-dimethylamino)phenylamino]-3,6-bis(3-pyrrolidinopropionamido) acridine' BRA 
4 water                                                                              HOH 
# 
_pdbx_initial_refinement_model.id               1 
_pdbx_initial_refinement_model.entity_id_list   ? 
_pdbx_initial_refinement_model.type             'experimental model' 
_pdbx_initial_refinement_model.source_name      PDB 
_pdbx_initial_refinement_model.accession_code   1K8P 
_pdbx_initial_refinement_model.details          'PDB Entry 1K8P' 
# 
